data_5NLY
#
_entry.id   5NLY
#
_cell.length_a   63.893
_cell.length_b   66.039
_cell.length_c   206.880
_cell.angle_alpha   90.00
_cell.angle_beta   90.00
_cell.angle_gamma   90.00
#
_symmetry.space_group_name_H-M   'P 21 21 21'
#
loop_
_entity.id
_entity.type
_entity.pdbx_description
1 polymer 'IQ motif and SEC7 domain-containing protein 1'
2 polymer 'IQ motif and SEC7 domain-containing protein 1'
3 non-polymer 'PHOSPHATE ION'
4 water water
#
loop_
_entity_poly.entity_id
_entity_poly.type
_entity_poly.pdbx_seq_one_letter_code
_entity_poly.pdbx_strand_id
1 'polypeptide(L)'
;MSYYHHHHHHDYDIPTTENLYFQGAMGSEFMSWDSPAFSNDVIRKRHYRIGLNLFNKKPEKGVQYLIERGFVPDTPVGVA
HFLLQRKGLSRQMIGEFLGNRQKQFNRDVLD(CME)VVDEMDFSTMELDEALRKFQAHIRVQGEAQKVERLIEAFSQRY
(CME)I(CME)NPGVVRQFRNPDTIFILAFAIILLNTDMYSPNVKPERKMKLEDFIKNLRGVDDGEDIPREMLMGIYERI
RKRELKTNEDHVSQVQKVEKLIVGKKPIGSLHPGLGCVLSLPHRRLVCY(CME)RLFEVPDPNKPQKLGLHQREIFLFND
LLVVTKIFQKKKNSVTYSFRQSFSLYGMQVLLFENQYYPNGIRLTSSVPGADIKVLINFNAPNPQDRKKFTDDLRESIAE
VQEMEKHRIESELEKQKGVVRP
;
A
2 'polypeptide(L)'
;MSYYHHHHHHDYDIPTTENLYFQGAMGSEFMSWDSPAFSNDVIRKRHYRIGLNLFNKKPEKGVQYLIERGFVPDTPVGVA
HFLLQRKGLSRQMIGEFLGNRQKQFNRDVLDCVVDEMDFSTMELDEALRKFQAHIRVQGEAQKVERLIEAFSQRY(CME)
I(CME)NPGVVRQFRNPDTIFILAFAIILLNTDMYSPNVKPERKMKLEDFIKNLRGVDDGEDIPREMLMGIYERIRKREL
KTNEDHVSQVQKVEKLIVGKKPIGSLHPGLG(CME)VLSLPHRRLV(CME)Y(CME)RLFEVPDPNKPQKLGLHQREIFL
FNDLLVVTKIFQKKKNSVTYSFRQSFSLYGMQVLLFENQYYPNGIRLTSSVPGADIKVLINFNAPNPQDRKKFTDDLRES
IAEVQEMEKHRIESELEKQKGVVRP
;
B
#
# COMPACT_ATOMS: atom_id res chain seq x y z
N PRO A 36 22.74 37.10 -15.12
CA PRO A 36 22.16 37.87 -14.02
C PRO A 36 21.22 37.04 -13.17
N ALA A 37 21.42 37.11 -11.86
CA ALA A 37 20.60 36.33 -10.94
C ALA A 37 19.30 37.03 -10.62
N PHE A 38 18.36 36.23 -10.13
CA PHE A 38 17.07 36.75 -9.70
C PHE A 38 17.22 37.25 -8.28
N SER A 39 16.72 38.48 -8.06
CA SER A 39 16.75 39.11 -6.75
C SER A 39 15.95 38.29 -5.75
N ASN A 40 16.29 38.50 -4.48
CA ASN A 40 15.76 37.78 -3.33
C ASN A 40 14.61 38.50 -2.66
N ASP A 41 13.48 38.53 -3.37
CA ASP A 41 12.29 39.15 -2.83
C ASP A 41 11.43 38.16 -2.10
N VAL A 42 10.34 38.65 -1.56
CA VAL A 42 9.43 37.85 -0.77
C VAL A 42 8.85 36.66 -1.54
N ILE A 43 8.43 36.86 -2.78
CA ILE A 43 7.87 35.80 -3.61
C ILE A 43 8.92 34.79 -4.00
N ARG A 44 10.12 35.24 -4.31
CA ARG A 44 11.22 34.35 -4.68
C ARG A 44 11.63 33.48 -3.51
N LYS A 45 11.67 34.08 -2.31
CA LYS A 45 12.00 33.33 -1.11
C LYS A 45 10.90 32.31 -0.79
N ARG A 46 9.63 32.67 -1.07
CA ARG A 46 8.48 31.79 -0.83
C ARG A 46 8.54 30.54 -1.67
N HIS A 47 8.88 30.69 -2.95
CA HIS A 47 8.95 29.54 -3.86
C HIS A 47 10.19 28.69 -3.61
N TYR A 48 11.24 29.27 -2.97
CA TYR A 48 12.37 28.46 -2.53
C TYR A 48 11.90 27.55 -1.39
N ARG A 49 11.13 28.11 -0.45
CA ARG A 49 10.57 27.32 0.65
C ARG A 49 9.59 26.28 0.17
N ILE A 50 8.81 26.62 -0.87
CA ILE A 50 7.88 25.66 -1.47
C ILE A 50 8.68 24.47 -2.03
N GLY A 51 9.82 24.75 -2.67
CA GLY A 51 10.68 23.69 -3.21
C GLY A 51 11.19 22.76 -2.14
N LEU A 52 11.58 23.34 -0.99
CA LEU A 52 12.05 22.55 0.14
C LEU A 52 10.90 21.75 0.74
N ASN A 53 9.70 22.34 0.83
CA ASN A 53 8.52 21.64 1.34
C ASN A 53 8.20 20.43 0.47
N LEU A 54 8.24 20.61 -0.86
CA LEU A 54 7.99 19.52 -1.80
C LEU A 54 9.05 18.43 -1.67
N PHE A 55 10.32 18.82 -1.46
CA PHE A 55 11.38 17.83 -1.27
C PHE A 55 11.14 16.98 -0.04
N ASN A 56 10.70 17.64 1.04
CA ASN A 56 10.47 16.97 2.32
C ASN A 56 9.22 16.11 2.35
N LYS A 57 8.39 16.20 1.30
CA LYS A 57 7.23 15.33 1.13
C LYS A 57 7.50 14.28 0.03
N LYS A 58 8.04 14.69 -1.11
CA LYS A 58 8.38 13.80 -2.24
C LYS A 58 9.67 14.32 -2.87
N PRO A 59 10.80 13.73 -2.47
CA PRO A 59 12.11 14.25 -2.88
C PRO A 59 12.35 14.48 -4.36
N GLU A 60 11.90 13.57 -5.21
CA GLU A 60 12.07 13.76 -6.65
C GLU A 60 11.31 14.99 -7.19
N LYS A 61 10.12 15.24 -6.66
CA LYS A 61 9.34 16.40 -7.04
C LYS A 61 10.00 17.70 -6.57
N GLY A 62 10.53 17.69 -5.36
CA GLY A 62 11.20 18.88 -4.83
C GLY A 62 12.44 19.25 -5.62
N VAL A 63 13.27 18.25 -5.96
CA VAL A 63 14.49 18.48 -6.74
C VAL A 63 14.12 19.07 -8.10
N GLN A 64 13.10 18.50 -8.74
CA GLN A 64 12.63 19.01 -10.04
C GLN A 64 12.16 20.44 -9.92
N TYR A 65 11.39 20.74 -8.87
CA TYR A 65 10.90 22.08 -8.63
C TYR A 65 12.03 23.09 -8.41
N LEU A 66 13.03 22.72 -7.62
CA LEU A 66 14.16 23.60 -7.36
C LEU A 66 15.02 23.82 -8.59
N ILE A 67 15.14 22.77 -9.45
CA ILE A 67 15.91 22.90 -10.68
C ILE A 67 15.18 23.80 -11.66
N GLU A 68 13.89 23.54 -11.88
CA GLU A 68 13.09 24.35 -12.81
C GLU A 68 13.04 25.83 -12.45
N ARG A 69 13.23 26.14 -11.16
CA ARG A 69 13.17 27.53 -10.69
C ARG A 69 14.53 28.20 -10.64
N GLY A 70 15.59 27.46 -10.97
CA GLY A 70 16.93 28.01 -11.00
C GLY A 70 17.63 28.12 -9.66
N PHE A 71 17.13 27.39 -8.64
CA PHE A 71 17.74 27.43 -7.31
C PHE A 71 18.91 26.47 -7.17
N VAL A 72 19.03 25.50 -8.09
CA VAL A 72 20.09 24.53 -8.07
C VAL A 72 20.38 24.12 -9.50
N PRO A 73 21.66 23.94 -9.84
CA PRO A 73 21.97 23.49 -11.21
C PRO A 73 21.40 22.11 -11.51
N ASP A 74 21.18 21.87 -12.80
CA ASP A 74 20.63 20.60 -13.28
C ASP A 74 21.74 19.58 -13.54
N THR A 75 22.58 19.39 -12.53
CA THR A 75 23.68 18.45 -12.56
C THR A 75 23.74 17.66 -11.27
N PRO A 76 24.25 16.43 -11.33
CA PRO A 76 24.40 15.63 -10.10
C PRO A 76 25.28 16.28 -9.03
N VAL A 77 26.38 16.91 -9.45
CA VAL A 77 27.27 17.58 -8.51
C VAL A 77 26.60 18.78 -7.88
N GLY A 78 25.79 19.48 -8.65
CA GLY A 78 25.07 20.63 -8.13
C GLY A 78 24.07 20.22 -7.05
N VAL A 79 23.32 19.16 -7.32
CA VAL A 79 22.34 18.66 -6.36
C VAL A 79 23.03 18.05 -5.15
N ALA A 80 24.14 17.37 -5.36
CA ALA A 80 24.88 16.78 -4.23
C ALA A 80 25.33 17.85 -3.24
N HIS A 81 25.93 18.94 -3.76
CA HIS A 81 26.36 20.03 -2.90
C HIS A 81 25.17 20.71 -2.26
N PHE A 82 24.06 20.83 -2.99
CA PHE A 82 22.85 21.43 -2.42
C PHE A 82 22.34 20.62 -1.24
N LEU A 83 22.24 19.30 -1.41
CA LEU A 83 21.71 18.44 -0.34
C LEU A 83 22.57 18.41 0.90
N LEU A 84 23.88 18.54 0.75
CA LEU A 84 24.78 18.50 1.91
C LEU A 84 24.97 19.83 2.61
N GLN A 85 24.64 20.95 1.96
CA GLN A 85 24.92 22.27 2.52
C GLN A 85 23.72 23.10 2.93
N ARG A 86 22.56 22.88 2.31
CA ARG A 86 21.40 23.72 2.55
C ARG A 86 20.54 23.29 3.70
N LYS A 87 20.10 24.31 4.45
CA LYS A 87 19.21 24.10 5.58
C LYS A 87 17.78 24.00 5.06
N GLY A 88 16.95 23.41 5.87
CA GLY A 88 15.54 23.20 5.54
C GLY A 88 15.23 21.90 4.84
N LEU A 89 16.25 21.03 4.69
CA LEU A 89 16.08 19.72 4.09
C LEU A 89 16.12 18.66 5.19
N SER A 90 15.10 17.81 5.19
CA SER A 90 15.00 16.73 6.17
C SER A 90 16.08 15.70 5.87
N ARG A 91 16.81 15.32 6.92
CA ARG A 91 17.84 14.28 6.84
C ARG A 91 17.21 12.97 6.42
N GLN A 92 15.99 12.69 6.87
CA GLN A 92 15.28 11.48 6.44
C GLN A 92 15.07 11.47 4.94
N MET A 93 14.62 12.61 4.40
CA MET A 93 14.28 12.69 2.99
C MET A 93 15.48 12.78 2.08
N ILE A 94 16.60 13.28 2.59
CA ILE A 94 17.87 13.25 1.85
C ILE A 94 18.25 11.78 1.65
N GLY A 95 18.09 10.97 2.70
CA GLY A 95 18.40 9.55 2.62
C GLY A 95 17.50 8.81 1.67
N GLU A 96 16.21 9.23 1.65
CA GLU A 96 15.26 8.56 0.74
CA GLU A 96 15.25 8.58 0.73
C GLU A 96 15.58 8.91 -0.71
N PHE A 97 16.06 10.12 -0.98
CA PHE A 97 16.43 10.49 -2.34
C PHE A 97 17.70 9.75 -2.76
N LEU A 98 18.74 9.83 -1.91
CA LEU A 98 20.03 9.21 -2.24
C LEU A 98 19.99 7.69 -2.25
N GLY A 99 19.08 7.11 -1.46
CA GLY A 99 18.94 5.66 -1.39
C GLY A 99 18.13 5.06 -2.52
N ASN A 100 17.60 5.88 -3.45
CA ASN A 100 16.83 5.40 -4.58
C ASN A 100 17.77 4.91 -5.67
N ARG A 101 17.83 3.59 -5.85
CA ARG A 101 18.68 3.01 -6.89
C ARG A 101 18.00 2.90 -8.25
N GLN A 102 16.72 3.27 -8.32
CA GLN A 102 15.96 3.08 -9.55
C GLN A 102 16.06 4.22 -10.57
N LYS A 103 16.69 5.33 -10.19
CA LYS A 103 16.84 6.45 -11.11
C LYS A 103 18.31 6.81 -11.24
N GLN A 104 18.76 6.94 -12.49
CA GLN A 104 20.14 7.25 -12.81
C GLN A 104 20.62 8.51 -12.13
N PHE A 105 19.76 9.55 -12.12
CA PHE A 105 20.15 10.83 -11.54
C PHE A 105 20.46 10.69 -10.08
N ASN A 106 19.60 10.02 -9.34
CA ASN A 106 19.80 9.82 -7.91
C ASN A 106 21.10 9.06 -7.62
N ARG A 107 21.38 8.01 -8.42
CA ARG A 107 22.62 7.26 -8.24
C ARG A 107 23.84 8.12 -8.53
N ASP A 108 23.75 8.96 -9.56
CA ASP A 108 24.86 9.85 -9.87
C ASP A 108 25.08 10.90 -8.77
N VAL A 109 24.00 11.36 -8.15
CA VAL A 109 24.11 12.32 -7.05
C VAL A 109 24.80 11.66 -5.86
N LEU A 110 24.41 10.40 -5.53
CA LEU A 110 25.02 9.70 -4.41
C LEU A 110 26.50 9.45 -4.64
N ASP A 111 26.87 9.21 -5.89
CA ASP A 111 28.29 9.08 -6.23
C ASP A 111 29.05 10.37 -5.94
N VAL A 113 28.13 12.55 -3.79
CA VAL A 113 28.10 12.74 -2.35
C VAL A 113 29.26 12.03 -1.64
N VAL A 114 29.43 10.75 -1.93
CA VAL A 114 30.48 9.96 -1.25
C VAL A 114 31.85 10.33 -1.71
N ASP A 115 31.97 10.81 -2.96
CA ASP A 115 33.26 11.24 -3.48
C ASP A 115 33.78 12.51 -2.81
N GLU A 116 32.95 13.18 -2.01
CA GLU A 116 33.37 14.34 -1.21
C GLU A 116 33.88 13.93 0.17
N MET A 117 33.78 12.64 0.49
CA MET A 117 34.13 12.15 1.81
C MET A 117 35.42 11.35 1.81
N ASP A 118 36.26 11.62 2.84
CA ASP A 118 37.55 10.95 3.02
C ASP A 118 37.44 10.00 4.20
N PHE A 119 37.57 8.71 3.89
CA PHE A 119 37.55 7.65 4.90
C PHE A 119 38.91 6.94 5.05
N SER A 120 39.96 7.54 4.58
CA SER A 120 41.27 6.93 4.58
C SER A 120 41.86 6.78 5.96
N THR A 121 42.47 5.63 6.22
CA THR A 121 43.16 5.27 7.45
C THR A 121 42.29 5.43 8.70
N MET A 122 41.03 5.04 8.60
CA MET A 122 40.16 5.03 9.75
C MET A 122 39.39 3.73 9.77
N GLU A 123 38.89 3.40 10.96
CA GLU A 123 38.13 2.17 11.16
C GLU A 123 36.74 2.34 10.57
N LEU A 124 36.09 1.22 10.29
CA LEU A 124 34.80 1.22 9.60
C LEU A 124 33.76 2.06 10.30
N ASP A 125 33.69 1.94 11.64
CA ASP A 125 32.73 2.70 12.42
C ASP A 125 33.04 4.19 12.43
N GLU A 126 34.33 4.53 12.40
CA GLU A 126 34.76 5.92 12.35
C GLU A 126 34.36 6.55 11.01
N ALA A 127 34.47 5.79 9.92
CA ALA A 127 34.03 6.28 8.61
C ALA A 127 32.50 6.40 8.58
N LEU A 128 31.80 5.43 9.18
CA LEU A 128 30.34 5.48 9.24
C LEU A 128 29.87 6.68 10.03
N ARG A 129 30.63 7.08 11.05
CA ARG A 129 30.29 8.27 11.84
C ARG A 129 30.29 9.52 10.99
N LYS A 130 31.32 9.63 10.13
CA LYS A 130 31.41 10.76 9.21
C LYS A 130 30.29 10.75 8.19
N PHE A 131 29.93 9.56 7.68
CA PHE A 131 28.85 9.41 6.70
C PHE A 131 27.52 9.73 7.32
N GLN A 132 27.25 9.17 8.50
CA GLN A 132 25.99 9.38 9.20
C GLN A 132 25.78 10.80 9.69
N ALA A 133 26.86 11.56 9.86
CA ALA A 133 26.72 12.96 10.29
C ALA A 133 25.87 13.77 9.31
N HIS A 134 26.00 13.45 8.02
CA HIS A 134 25.25 14.13 6.97
C HIS A 134 23.98 13.43 6.53
N ILE A 135 24.06 12.08 6.50
CA ILE A 135 22.99 11.27 5.97
C ILE A 135 22.50 10.31 7.03
N ARG A 136 21.21 10.40 7.32
CA ARG A 136 20.59 9.49 8.27
C ARG A 136 20.43 8.14 7.59
N VAL A 137 21.16 7.18 8.11
CA VAL A 137 21.14 5.83 7.56
C VAL A 137 20.07 5.01 8.28
N GLN A 138 18.85 5.43 8.09
CA GLN A 138 17.66 4.77 8.60
C GLN A 138 16.50 5.06 7.66
N GLY A 139 15.55 4.14 7.65
CA GLY A 139 14.38 4.26 6.80
C GLY A 139 14.00 2.93 6.18
N GLU A 140 13.53 3.02 4.93
CA GLU A 140 13.09 1.85 4.18
C GLU A 140 14.29 0.98 3.86
N ALA A 141 14.10 -0.31 3.95
CA ALA A 141 15.20 -1.28 3.88
C ALA A 141 16.01 -1.21 2.59
N GLN A 142 15.30 -1.06 1.45
CA GLN A 142 16.01 -0.98 0.17
C GLN A 142 16.82 0.28 0.04
N LYS A 143 16.38 1.36 0.68
CA LYS A 143 17.12 2.62 0.67
C LYS A 143 18.33 2.50 1.56
N VAL A 144 18.18 1.88 2.76
CA VAL A 144 19.30 1.66 3.69
C VAL A 144 20.39 0.80 3.06
N GLU A 145 19.97 -0.24 2.33
CA GLU A 145 20.96 -1.10 1.68
C GLU A 145 21.79 -0.34 0.67
N ARG A 146 21.10 0.45 -0.16
CA ARG A 146 21.77 1.25 -1.18
C ARG A 146 22.74 2.25 -0.56
N LEU A 147 22.33 2.90 0.51
CA LEU A 147 23.21 3.86 1.19
C LEU A 147 24.43 3.15 1.78
N ILE A 148 24.23 1.96 2.39
CA ILE A 148 25.35 1.18 2.94
C ILE A 148 26.26 0.68 1.84
N GLU A 149 25.69 0.36 0.68
CA GLU A 149 26.48 -0.13 -0.45
C GLU A 149 27.44 0.94 -0.94
N ALA A 150 26.93 2.16 -1.18
CA ALA A 150 27.78 3.26 -1.67
C ALA A 150 28.78 3.67 -0.62
N PHE A 151 28.39 3.65 0.64
CA PHE A 151 29.32 3.95 1.72
C PHE A 151 30.46 2.97 1.74
N SER A 152 30.14 1.67 1.70
CA SER A 152 31.15 0.61 1.81
C SER A 152 32.10 0.62 0.63
N GLN A 153 31.58 0.85 -0.57
CA GLN A 153 32.42 0.94 -1.76
C GLN A 153 33.41 2.11 -1.64
N ARG A 154 32.97 3.27 -1.12
CA ARG A 154 33.85 4.41 -0.92
C ARG A 154 34.90 4.10 0.14
N TYR A 155 34.49 3.42 1.22
CA TYR A 155 35.44 3.05 2.28
C TYR A 155 36.53 2.16 1.73
N ILE A 157 37.61 1.99 -1.47
CA ILE A 157 38.47 2.73 -2.38
C ILE A 157 39.39 3.66 -1.61
N ASN A 159 40.67 2.85 1.33
CA ASN A 159 41.61 2.07 2.14
C ASN A 159 42.28 0.88 1.44
N PRO A 160 42.98 1.11 0.33
CA PRO A 160 43.74 0.02 -0.30
C PRO A 160 45.01 -0.40 0.49
N GLY A 161 45.44 0.48 1.41
CA GLY A 161 46.61 0.23 2.24
C GLY A 161 46.37 -0.73 3.39
N VAL A 162 45.10 -1.05 3.67
CA VAL A 162 44.77 -2.02 4.71
C VAL A 162 44.93 -3.38 4.08
N VAL A 163 46.01 -4.06 4.45
CA VAL A 163 46.32 -5.37 3.90
C VAL A 163 45.52 -6.51 4.49
N ARG A 164 44.96 -6.29 5.67
CA ARG A 164 44.06 -7.26 6.26
C ARG A 164 42.74 -7.20 5.52
N GLN A 165 42.22 -8.37 5.15
CA GLN A 165 40.95 -8.47 4.48
C GLN A 165 40.21 -9.71 4.91
N PHE A 166 38.90 -9.63 4.73
CA PHE A 166 38.03 -10.77 5.01
C PHE A 166 38.13 -11.73 3.84
N ARG A 167 37.65 -12.95 4.08
CA ARG A 167 37.67 -13.98 3.04
C ARG A 167 36.68 -13.65 1.95
N ASN A 168 35.53 -13.09 2.38
CA ASN A 168 34.57 -12.64 1.42
C ASN A 168 34.57 -11.13 1.50
N PRO A 169 34.83 -10.46 0.37
CA PRO A 169 34.81 -8.98 0.38
C PRO A 169 33.47 -8.37 0.80
N ASP A 170 32.39 -9.11 0.53
CA ASP A 170 31.06 -8.66 0.87
C ASP A 170 30.84 -8.57 2.36
N THR A 171 31.79 -9.08 3.20
CA THR A 171 31.66 -9.00 4.64
C THR A 171 31.67 -7.57 5.15
N ILE A 172 32.24 -6.66 4.36
CA ILE A 172 32.27 -5.25 4.73
C ILE A 172 30.87 -4.68 4.85
N PHE A 173 30.01 -5.03 3.90
CA PHE A 173 28.62 -4.59 3.92
C PHE A 173 27.89 -5.10 5.16
N ILE A 174 28.16 -6.36 5.56
CA ILE A 174 27.53 -6.98 6.72
C ILE A 174 27.92 -6.28 8.00
N LEU A 175 29.22 -6.04 8.19
CA LEU A 175 29.67 -5.37 9.40
C LEU A 175 29.17 -3.95 9.47
N ALA A 176 29.10 -3.24 8.33
CA ALA A 176 28.59 -1.87 8.29
C ALA A 176 27.14 -1.85 8.75
N PHE A 177 26.33 -2.84 8.31
CA PHE A 177 24.95 -2.97 8.78
C PHE A 177 24.90 -3.21 10.27
N ALA A 178 25.75 -4.11 10.75
CA ALA A 178 25.77 -4.45 12.16
C ALA A 178 26.14 -3.28 13.04
N ILE A 179 26.96 -2.36 12.52
CA ILE A 179 27.33 -1.17 13.27
C ILE A 179 26.12 -0.26 13.40
N ILE A 180 25.36 -0.10 12.31
CA ILE A 180 24.18 0.74 12.32
C ILE A 180 23.17 0.21 13.29
N LEU A 181 22.92 -1.09 13.23
CA LEU A 181 21.94 -1.71 14.12
C LEU A 181 22.36 -1.63 15.58
N LEU A 182 23.68 -1.79 15.88
CA LEU A 182 24.14 -1.68 17.26
C LEU A 182 23.93 -0.28 17.78
N ASN A 183 24.28 0.74 16.96
CA ASN A 183 24.12 2.13 17.39
C ASN A 183 22.67 2.44 17.68
N THR A 184 21.76 1.97 16.82
CA THR A 184 20.35 2.18 17.04
C THR A 184 19.90 1.48 18.30
N ASP A 185 20.31 0.21 18.47
CA ASP A 185 19.94 -0.56 19.64
C ASP A 185 20.43 0.06 20.92
N MET A 186 21.70 0.46 20.95
CA MET A 186 22.33 0.98 22.17
C MET A 186 21.76 2.31 22.62
N TYR A 187 21.30 3.13 21.68
CA TYR A 187 20.77 4.46 22.01
C TYR A 187 19.31 4.62 21.66
N SER A 188 18.57 3.50 21.62
CA SER A 188 17.14 3.55 21.39
C SER A 188 16.43 3.82 22.70
N PRO A 189 15.50 4.78 22.70
CA PRO A 189 14.65 4.98 23.89
C PRO A 189 13.48 3.97 23.97
N ASN A 190 13.37 3.06 22.94
CA ASN A 190 12.32 2.04 22.87
C ASN A 190 12.78 0.64 23.30
N VAL A 191 14.10 0.38 23.34
CA VAL A 191 14.71 -0.85 23.88
C VAL A 191 15.20 -0.52 25.27
N LYS A 192 14.68 -1.24 26.22
CA LYS A 192 15.03 -0.98 27.59
C LYS A 192 16.41 -1.53 27.89
N PRO A 193 17.11 -0.91 28.84
CA PRO A 193 18.52 -1.24 29.06
C PRO A 193 18.90 -2.70 29.26
N GLU A 194 18.11 -3.41 30.03
CA GLU A 194 18.43 -4.80 30.31
C GLU A 194 18.40 -5.72 29.12
N ARG A 195 17.67 -5.33 28.07
CA ARG A 195 17.56 -6.13 26.85
C ARG A 195 18.36 -5.59 25.69
N LYS A 196 19.04 -4.45 25.88
CA LYS A 196 19.94 -3.92 24.87
C LYS A 196 21.14 -4.90 24.68
N MET A 197 21.76 -4.78 23.52
CA MET A 197 22.82 -5.67 23.11
C MET A 197 24.10 -5.38 23.84
N LYS A 198 24.58 -6.40 24.58
CA LYS A 198 25.83 -6.31 25.31
C LYS A 198 26.98 -6.73 24.39
N LEU A 199 28.22 -6.54 24.88
CA LEU A 199 29.42 -6.82 24.08
C LEU A 199 29.41 -8.22 23.52
N GLU A 200 29.19 -9.21 24.37
CA GLU A 200 29.18 -10.59 23.90
C GLU A 200 27.99 -10.92 23.01
N ASP A 201 26.91 -10.15 23.16
CA ASP A 201 25.75 -10.33 22.29
C ASP A 201 26.06 -9.81 20.89
N PHE A 202 26.74 -8.65 20.81
CA PHE A 202 27.17 -8.11 19.52
C PHE A 202 28.11 -9.07 18.80
N ILE A 203 29.05 -9.65 19.56
CA ILE A 203 30.00 -10.59 19.00
C ILE A 203 29.32 -11.87 18.56
N LYS A 204 28.45 -12.43 19.44
CA LYS A 204 27.80 -13.70 19.13
C LYS A 204 26.90 -13.62 17.90
N ASN A 205 26.24 -12.48 17.71
CA ASN A 205 25.35 -12.32 16.56
C ASN A 205 26.09 -12.34 15.21
N LEU A 206 27.37 -12.02 15.23
CA LEU A 206 28.17 -11.98 14.01
C LEU A 206 28.98 -13.24 13.77
N ARG A 207 28.72 -14.31 14.55
CA ARG A 207 29.45 -15.57 14.46
C ARG A 207 29.34 -16.22 13.10
N GLY A 208 30.50 -16.54 12.55
CA GLY A 208 30.60 -17.27 11.30
C GLY A 208 30.15 -16.57 10.04
N VAL A 209 30.11 -15.24 10.09
CA VAL A 209 29.55 -14.48 9.00
C VAL A 209 30.49 -14.28 7.82
N ASP A 210 31.80 -14.45 8.03
CA ASP A 210 32.78 -14.27 6.97
C ASP A 210 33.13 -15.66 6.39
N ASP A 211 32.27 -16.12 5.49
CA ASP A 211 32.41 -17.41 4.82
C ASP A 211 32.69 -18.54 5.81
N GLY A 212 31.87 -18.53 6.87
CA GLY A 212 31.91 -19.57 7.89
C GLY A 212 32.67 -19.24 9.15
N GLU A 213 33.65 -18.34 9.07
CA GLU A 213 34.42 -17.92 10.22
C GLU A 213 34.03 -16.51 10.60
N ASP A 214 34.37 -16.16 11.82
CA ASP A 214 34.02 -14.89 12.38
C ASP A 214 35.05 -13.83 12.11
N ILE A 215 34.59 -12.62 12.24
CA ILE A 215 35.39 -11.42 12.12
C ILE A 215 36.27 -11.38 13.36
N PRO A 216 37.52 -10.90 13.24
CA PRO A 216 38.40 -10.89 14.40
C PRO A 216 37.78 -10.28 15.63
N ARG A 217 37.88 -10.95 16.78
CA ARG A 217 37.27 -10.49 18.03
C ARG A 217 37.72 -9.10 18.44
N GLU A 218 39.00 -8.83 18.30
CA GLU A 218 39.53 -7.53 18.66
C GLU A 218 38.90 -6.40 17.88
N MET A 219 38.56 -6.65 16.62
CA MET A 219 37.95 -5.63 15.78
C MET A 219 36.55 -5.30 16.26
N LEU A 220 35.76 -6.32 16.59
CA LEU A 220 34.40 -6.11 17.08
C LEU A 220 34.39 -5.48 18.45
N MET A 221 35.40 -5.79 19.28
CA MET A 221 35.50 -5.17 20.60
C MET A 221 35.78 -3.69 20.49
N GLY A 222 36.65 -3.32 19.56
CA GLY A 222 36.98 -1.91 19.36
C GLY A 222 35.81 -1.12 18.83
N ILE A 223 35.03 -1.72 17.92
CA ILE A 223 33.85 -1.06 17.37
C ILE A 223 32.84 -0.82 18.47
N TYR A 224 32.53 -1.86 19.26
CA TYR A 224 31.55 -1.73 20.35
C TYR A 224 31.93 -0.63 21.34
N GLU A 225 33.20 -0.58 21.74
CA GLU A 225 33.67 0.42 22.72
C GLU A 225 33.56 1.84 22.20
N ARG A 226 33.90 2.08 20.92
CA ARG A 226 33.81 3.42 20.36
C ARG A 226 32.37 3.89 20.24
N ILE A 227 31.45 2.96 19.95
CA ILE A 227 30.02 3.29 19.88
C ILE A 227 29.48 3.55 21.27
N ARG A 228 29.93 2.75 22.24
CA ARG A 228 29.53 2.96 23.64
C ARG A 228 29.97 4.33 24.13
N LYS A 229 31.11 4.81 23.67
CA LYS A 229 31.61 6.10 24.11
C LYS A 229 30.91 7.27 23.47
N ARG A 230 30.46 7.12 22.22
CA ARG A 230 29.83 8.21 21.49
C ARG A 230 28.88 7.67 20.44
N GLU A 231 27.60 8.01 20.61
CA GLU A 231 26.56 7.65 19.67
C GLU A 231 26.86 8.26 18.31
N LEU A 232 26.49 7.51 17.28
CA LEU A 232 26.61 7.98 15.91
C LEU A 232 25.41 8.89 15.63
N LYS A 233 25.64 10.19 15.79
CA LYS A 233 24.58 11.17 15.60
C LYS A 233 24.63 11.82 14.24
N THR A 234 23.44 12.12 13.71
CA THR A 234 23.29 12.85 12.48
C THR A 234 23.14 14.31 12.85
N ASN A 235 23.70 15.18 12.01
CA ASN A 235 23.58 16.61 12.23
C ASN A 235 22.12 17.01 12.25
N GLU A 236 21.82 17.94 13.13
CA GLU A 236 20.43 18.34 13.32
C GLU A 236 19.89 19.07 12.11
N ASP A 237 18.58 19.00 11.97
CA ASP A 237 17.87 19.71 10.93
C ASP A 237 16.66 20.40 11.58
N HIS A 238 15.77 20.95 10.74
CA HIS A 238 14.59 21.63 11.24
C HIS A 238 13.65 20.71 11.99
N VAL A 239 13.69 19.43 11.65
CA VAL A 239 12.85 18.45 12.32
C VAL A 239 13.30 18.27 13.76
N SER A 240 14.61 18.36 14.01
CA SER A 240 15.15 18.28 15.36
C SER A 240 14.58 19.39 16.25
N GLN A 241 14.40 20.58 15.67
CA GLN A 241 13.85 21.71 16.41
C GLN A 241 12.40 21.48 16.80
N VAL A 242 11.64 20.88 15.89
CA VAL A 242 10.24 20.59 16.19
C VAL A 242 10.13 19.48 17.23
N GLN A 243 11.05 18.50 17.18
CA GLN A 243 11.06 17.43 18.17
C GLN A 243 11.32 17.97 19.57
N LYS A 244 12.16 19.01 19.67
CA LYS A 244 12.42 19.66 20.96
C LYS A 244 11.17 20.31 21.50
N VAL A 245 10.42 21.01 20.67
CA VAL A 245 9.17 21.63 21.08
C VAL A 245 8.17 20.55 21.47
N GLU A 246 8.01 19.51 20.65
CA GLU A 246 7.11 18.37 20.91
C GLU A 246 7.23 17.83 22.31
N LYS A 247 8.46 17.59 22.75
CA LYS A 247 8.68 16.99 24.06
C LYS A 247 8.32 17.89 25.23
N LEU A 248 8.25 19.21 24.97
CA LEU A 248 7.87 20.16 26.01
C LEU A 248 6.36 20.37 26.12
N ILE A 249 5.59 19.87 25.15
CA ILE A 249 4.14 20.01 25.12
C ILE A 249 3.53 18.69 25.57
N VAL A 250 2.59 18.81 26.52
CA VAL A 250 1.82 17.68 27.02
C VAL A 250 0.38 17.83 26.51
N GLY A 251 -0.04 16.82 25.75
CA GLY A 251 -1.33 16.81 25.09
C GLY A 251 -2.52 17.03 26.03
N GLY A 263 -0.54 17.89 19.61
CA GLY A 263 0.40 18.70 20.38
C GLY A 263 1.73 18.03 20.68
N CYS A 264 1.69 16.70 20.85
CA CYS A 264 2.89 15.91 21.19
C CYS A 264 3.58 15.33 19.96
N VAL A 265 2.85 15.20 18.83
CA VAL A 265 3.41 14.69 17.58
C VAL A 265 3.21 15.73 16.49
N LEU A 266 4.23 16.50 16.24
CA LEU A 266 4.27 17.60 15.30
C LEU A 266 5.39 17.49 14.28
N SER A 267 6.41 16.69 14.55
CA SER A 267 7.66 16.64 13.80
C SER A 267 7.61 15.81 12.53
N LEU A 268 6.70 16.18 11.64
CA LEU A 268 6.62 15.60 10.32
C LEU A 268 7.78 16.17 9.49
N PRO A 269 8.27 15.41 8.51
CA PRO A 269 9.51 15.81 7.80
C PRO A 269 9.52 17.20 7.16
N HIS A 270 8.34 17.68 6.76
CA HIS A 270 8.23 18.97 6.13
C HIS A 270 7.97 20.14 7.08
N ARG A 271 7.61 19.85 8.35
CA ARG A 271 7.21 20.90 9.28
C ARG A 271 8.39 21.60 9.88
N ARG A 272 8.29 22.93 9.87
CA ARG A 272 9.33 23.83 10.32
C ARG A 272 8.75 24.86 11.26
N LEU A 273 9.46 25.11 12.36
CA LEU A 273 9.06 26.14 13.31
C LEU A 273 9.43 27.49 12.72
N VAL A 274 8.46 28.39 12.71
CA VAL A 274 8.65 29.72 12.18
C VAL A 274 8.85 30.75 13.28
N CYS A 275 7.98 30.74 14.29
CA CYS A 275 7.98 31.78 15.29
C CYS A 275 7.37 31.27 16.57
N TYR A 276 8.00 31.67 17.66
CA TYR A 276 7.45 31.50 18.99
C TYR A 276 7.04 32.88 19.47
N ARG A 278 4.42 35.10 22.44
CA ARG A 278 3.52 35.18 23.58
C ARG A 278 2.43 36.18 23.28
N LEU A 279 1.19 35.70 23.39
CA LEU A 279 0.01 36.52 23.18
C LEU A 279 -1.01 36.22 24.27
N PHE A 280 -1.97 37.12 24.41
CA PHE A 280 -3.03 37.00 25.38
C PHE A 280 -4.33 36.75 24.65
N GLU A 281 -5.00 35.64 25.00
CA GLU A 281 -6.26 35.28 24.38
C GLU A 281 -7.36 36.20 24.88
N VAL A 282 -8.25 36.53 23.95
CA VAL A 282 -9.36 37.44 24.22
C VAL A 282 -10.66 36.74 23.89
N PRO A 283 -11.34 36.22 24.90
CA PRO A 283 -12.64 35.55 24.64
C PRO A 283 -13.70 36.45 24.01
N ASP A 284 -13.74 37.72 24.44
CA ASP A 284 -14.71 38.67 23.92
C ASP A 284 -14.01 40.02 23.73
N PRO A 285 -13.78 40.38 22.46
CA PRO A 285 -13.15 41.68 22.19
C PRO A 285 -13.95 42.91 22.61
N ASN A 286 -15.25 42.74 22.87
CA ASN A 286 -16.12 43.83 23.30
C ASN A 286 -16.25 43.95 24.81
N LYS A 287 -15.40 43.23 25.56
CA LYS A 287 -15.37 43.30 27.02
C LYS A 287 -13.92 43.40 27.49
N PRO A 288 -13.69 44.22 28.52
CA PRO A 288 -12.33 44.36 29.03
C PRO A 288 -11.89 43.18 29.86
N GLN A 289 -10.58 43.07 30.00
CA GLN A 289 -9.95 42.06 30.82
C GLN A 289 -8.61 42.54 31.29
N LYS A 290 -8.15 41.98 32.40
CA LYS A 290 -6.84 42.36 32.98
C LYS A 290 -5.75 42.15 31.93
N LEU A 291 -4.71 42.96 32.05
CA LEU A 291 -3.64 43.01 31.06
C LEU A 291 -2.89 41.70 30.87
N GLY A 292 -2.67 40.97 31.96
CA GLY A 292 -1.92 39.73 31.88
C GLY A 292 -2.71 38.45 31.74
N LEU A 293 -4.04 38.57 31.60
CA LEU A 293 -4.92 37.41 31.60
C LEU A 293 -4.85 36.59 30.33
N HIS A 294 -5.10 35.23 30.49
CA HIS A 294 -5.17 34.29 29.36
C HIS A 294 -3.91 34.26 28.53
N GLN A 295 -2.77 34.20 29.23
CA GLN A 295 -1.48 34.17 28.56
C GLN A 295 -1.33 32.85 27.81
N ARG A 296 -0.86 32.99 26.57
CA ARG A 296 -0.65 31.87 25.68
C ARG A 296 0.73 31.93 25.06
N GLU A 297 1.31 30.74 24.88
CA GLU A 297 2.58 30.57 24.21
C GLU A 297 2.26 29.93 22.87
N ILE A 298 2.48 30.70 21.81
CA ILE A 298 2.10 30.34 20.46
C ILE A 298 3.28 29.88 19.66
N PHE A 299 3.11 28.71 19.03
CA PHE A 299 4.10 28.13 18.16
C PHE A 299 3.56 28.08 16.73
N LEU A 300 4.08 28.96 15.90
CA LEU A 300 3.73 29.03 14.50
C LEU A 300 4.70 28.20 13.70
N PHE A 301 4.13 27.22 12.99
CA PHE A 301 4.87 26.39 12.07
C PHE A 301 4.48 26.80 10.67
N ASN A 302 5.25 26.29 9.69
CA ASN A 302 5.03 26.68 8.30
C ASN A 302 3.67 26.27 7.75
N ASP A 303 3.01 25.30 8.39
CA ASP A 303 1.68 24.87 7.97
C ASP A 303 0.69 24.66 9.12
N LEU A 304 1.01 25.17 10.31
CA LEU A 304 0.18 24.91 11.47
C LEU A 304 0.47 25.95 12.55
N LEU A 305 -0.63 26.36 13.23
CA LEU A 305 -0.58 27.27 14.36
C LEU A 305 -1.03 26.51 15.59
N VAL A 306 -0.13 26.46 16.58
CA VAL A 306 -0.38 25.75 17.83
C VAL A 306 -0.44 26.74 18.98
N VAL A 307 -1.51 26.58 19.78
CA VAL A 307 -1.77 27.43 20.94
C VAL A 307 -1.61 26.61 22.19
N THR A 308 -0.76 27.09 23.09
CA THR A 308 -0.50 26.44 24.37
C THR A 308 -0.53 27.46 25.51
N LYS A 309 -0.47 26.91 26.72
CA LYS A 309 -0.36 27.66 27.95
C LYS A 309 0.72 26.98 28.77
N ILE A 310 1.48 27.79 29.49
CA ILE A 310 2.52 27.26 30.36
C ILE A 310 1.90 26.31 31.38
N PHE A 311 2.54 25.17 31.55
CA PHE A 311 2.10 24.16 32.53
C PHE A 311 2.93 24.27 33.79
N GLN A 312 4.24 24.08 33.66
CA GLN A 312 5.17 24.25 34.78
C GLN A 312 6.34 25.10 34.31
N LYS A 313 6.76 26.03 35.21
CA LYS A 313 7.91 26.90 35.03
C LYS A 313 8.80 26.75 36.25
N LYS A 314 9.96 26.16 36.01
CA LYS A 314 10.95 25.96 37.05
C LYS A 314 11.99 27.08 36.89
N LYS A 315 13.17 26.87 37.45
CA LYS A 315 14.30 27.80 37.35
C LYS A 315 14.45 28.37 35.94
N ASN A 316 14.57 27.47 34.97
CA ASN A 316 14.68 27.85 33.57
C ASN A 316 13.76 27.05 32.68
N SER A 317 13.74 25.73 32.87
CA SER A 317 12.91 24.85 32.06
C SER A 317 11.44 25.23 32.18
N VAL A 318 10.70 24.90 31.15
CA VAL A 318 9.30 25.17 31.02
C VAL A 318 8.62 24.12 30.18
N THR A 319 7.41 23.74 30.59
CA THR A 319 6.56 22.83 29.85
C THR A 319 5.26 23.53 29.56
N TYR A 320 4.57 23.02 28.55
CA TYR A 320 3.35 23.62 28.04
C TYR A 320 2.23 22.62 27.92
N SER A 321 1.01 23.14 28.08
CA SER A 321 -0.21 22.36 27.92
C SER A 321 -0.82 22.74 26.59
N PHE A 322 -1.06 21.72 25.76
CA PHE A 322 -1.69 21.91 24.47
C PHE A 322 -3.12 22.31 24.66
N ARG A 323 -3.52 23.35 23.91
CA ARG A 323 -4.89 23.83 23.96
C ARG A 323 -5.63 23.61 22.67
N GLN A 324 -5.06 24.10 21.55
CA GLN A 324 -5.65 23.90 20.24
C GLN A 324 -4.67 24.23 19.14
N SER A 325 -4.96 23.68 17.96
CA SER A 325 -4.18 23.92 16.74
C SER A 325 -5.13 24.27 15.62
N PHE A 326 -4.60 25.02 14.66
CA PHE A 326 -5.34 25.47 13.51
C PHE A 326 -4.54 25.30 12.25
N SER A 327 -5.19 24.74 11.24
CA SER A 327 -4.60 24.67 9.91
C SER A 327 -4.62 26.11 9.34
N LEU A 328 -3.62 26.35 8.53
CA LEU A 328 -3.48 27.64 7.88
C LEU A 328 -4.27 27.76 6.57
N TYR A 329 -4.81 26.70 6.01
CA TYR A 329 -5.54 26.79 4.75
C TYR A 329 -6.87 27.45 4.96
N GLY A 330 -7.06 28.57 4.25
CA GLY A 330 -8.28 29.35 4.33
C GLY A 330 -8.38 30.26 5.54
N MET A 331 -7.29 30.34 6.32
CA MET A 331 -7.25 31.24 7.44
C MET A 331 -7.00 32.67 6.93
N GLN A 332 -7.65 33.61 7.62
CA GLN A 332 -7.48 35.02 7.42
C GLN A 332 -7.10 35.66 8.73
N VAL A 333 -6.32 36.70 8.63
CA VAL A 333 -5.79 37.43 9.76
C VAL A 333 -6.33 38.85 9.73
N LEU A 334 -7.01 39.19 10.81
CA LEU A 334 -7.54 40.53 11.00
C LEU A 334 -6.85 41.18 12.18
N LEU A 335 -6.58 42.46 12.02
CA LEU A 335 -6.03 43.30 13.07
C LEU A 335 -7.15 44.23 13.51
N PHE A 336 -7.29 44.39 14.83
CA PHE A 336 -8.29 45.27 15.40
C PHE A 336 -7.76 45.98 16.62
N GLU A 337 -8.38 47.12 16.90
CA GLU A 337 -8.15 47.89 18.09
C GLU A 337 -9.41 48.60 18.47
N ASN A 338 -9.68 48.60 19.78
CA ASN A 338 -10.82 49.28 20.35
C ASN A 338 -10.39 49.87 21.70
N GLN A 339 -11.35 50.30 22.49
CA GLN A 339 -11.08 50.93 23.78
C GLN A 339 -10.51 49.99 24.81
N TYR A 340 -10.59 48.68 24.57
CA TYR A 340 -10.10 47.70 25.51
C TYR A 340 -8.82 46.97 25.09
N TYR A 341 -8.56 46.90 23.77
CA TYR A 341 -7.39 46.21 23.24
C TYR A 341 -6.71 47.01 22.15
N PRO A 342 -5.50 47.51 22.40
CA PRO A 342 -4.79 48.28 21.37
C PRO A 342 -4.09 47.45 20.28
N ASN A 343 -3.80 46.18 20.58
CA ASN A 343 -3.04 45.31 19.68
C ASN A 343 -3.77 44.00 19.43
N GLY A 344 -5.02 44.13 19.04
CA GLY A 344 -5.86 42.97 18.80
C GLY A 344 -5.57 42.26 17.49
N ILE A 345 -5.75 40.93 17.55
CA ILE A 345 -5.61 40.03 16.42
C ILE A 345 -6.83 39.11 16.43
N ARG A 346 -7.45 38.95 15.26
CA ARG A 346 -8.57 38.06 15.08
C ARG A 346 -8.30 37.15 13.88
N LEU A 347 -8.41 35.85 14.15
CA LEU A 347 -8.21 34.83 13.12
C LEU A 347 -9.54 34.21 12.77
N THR A 348 -9.79 34.12 11.46
CA THR A 348 -11.02 33.57 10.92
C THR A 348 -10.69 32.49 9.90
N SER A 349 -11.71 31.61 9.72
CA SER A 349 -11.66 30.52 8.76
C SER A 349 -12.65 30.85 7.67
N SER A 350 -12.15 31.58 6.66
CA SER A 350 -12.93 32.02 5.52
C SER A 350 -12.88 31.01 4.38
N VAL A 351 -13.13 29.76 4.73
CA VAL A 351 -13.11 28.66 3.79
C VAL A 351 -14.52 28.42 3.25
N PRO A 352 -14.70 27.45 2.35
CA PRO A 352 -16.05 27.17 1.87
C PRO A 352 -16.85 26.32 2.88
N GLY A 353 -17.89 25.63 2.39
CA GLY A 353 -18.74 24.80 3.23
C GLY A 353 -19.81 25.68 3.85
N ALA A 354 -19.50 26.19 5.04
CA ALA A 354 -20.34 27.18 5.68
C ALA A 354 -19.70 28.53 5.32
N ASP A 355 -20.05 29.58 6.05
CA ASP A 355 -19.56 30.91 5.78
C ASP A 355 -18.39 31.25 6.71
N ILE A 356 -18.09 32.54 6.85
CA ILE A 356 -16.95 32.98 7.64
C ILE A 356 -17.15 32.66 9.11
N LYS A 357 -16.12 32.02 9.70
CA LYS A 357 -16.13 31.61 11.09
C LYS A 357 -14.93 32.16 11.83
N VAL A 358 -15.18 32.57 13.08
CA VAL A 358 -14.16 33.12 13.94
C VAL A 358 -13.49 32.00 14.70
N LEU A 359 -12.17 31.96 14.61
CA LEU A 359 -11.37 30.93 15.26
C LEU A 359 -10.91 31.31 16.66
N ILE A 360 -10.27 32.48 16.79
CA ILE A 360 -9.72 32.94 18.06
C ILE A 360 -9.31 34.40 17.95
N ASN A 361 -9.31 35.08 19.11
CA ASN A 361 -8.87 36.46 19.21
C ASN A 361 -7.74 36.55 20.22
N PHE A 362 -6.80 37.45 19.93
CA PHE A 362 -5.67 37.74 20.79
C PHE A 362 -5.47 39.24 20.91
N ASN A 363 -4.66 39.60 21.92
CA ASN A 363 -4.11 40.93 22.11
C ASN A 363 -2.62 40.75 22.38
N ALA A 364 -1.80 41.39 21.54
CA ALA A 364 -0.36 41.31 21.70
C ALA A 364 0.12 42.28 22.77
N PRO A 365 1.25 41.97 23.39
CA PRO A 365 1.78 42.88 24.44
C PRO A 365 2.17 44.28 23.96
N ASN A 366 2.50 44.40 22.67
CA ASN A 366 2.91 45.67 22.09
C ASN A 366 2.67 45.62 20.58
N PRO A 367 2.71 46.79 19.91
CA PRO A 367 2.44 46.81 18.47
C PRO A 367 3.46 46.12 17.59
N GLN A 368 4.71 46.04 18.05
CA GLN A 368 5.75 45.40 17.26
C GLN A 368 5.58 43.90 17.23
N ASP A 369 5.14 43.32 18.35
CA ASP A 369 4.86 41.90 18.42
C ASP A 369 3.68 41.52 17.54
N ARG A 370 2.64 42.37 17.48
CA ARG A 370 1.50 42.11 16.61
C ARG A 370 1.91 42.16 15.15
N LYS A 371 2.73 43.14 14.77
CA LYS A 371 3.16 43.25 13.38
C LYS A 371 3.99 42.07 12.95
N LYS A 372 4.98 41.71 13.75
CA LYS A 372 5.88 40.62 13.42
C LYS A 372 5.14 39.29 13.34
N PHE A 373 4.27 39.00 14.33
CA PHE A 373 3.52 37.75 14.32
C PHE A 373 2.58 37.67 13.14
N THR A 374 1.80 38.73 12.90
CA THR A 374 0.83 38.74 11.81
C THR A 374 1.47 38.70 10.45
N ASP A 375 2.64 39.31 10.31
CA ASP A 375 3.36 39.26 9.04
C ASP A 375 3.83 37.85 8.73
N ASP A 376 4.39 37.16 9.74
CA ASP A 376 4.84 35.78 9.55
C ASP A 376 3.69 34.82 9.34
N LEU A 377 2.58 35.03 10.05
CA LEU A 377 1.40 34.20 9.86
C LEU A 377 0.83 34.36 8.48
N ARG A 378 0.74 35.61 8.02
CA ARG A 378 0.21 35.88 6.68
C ARG A 378 1.06 35.23 5.60
N GLU A 379 2.37 35.28 5.78
CA GLU A 379 3.28 34.66 4.82
C GLU A 379 3.15 33.15 4.78
N SER A 380 3.03 32.53 5.96
CA SER A 380 2.87 31.09 6.03
C SER A 380 1.54 30.66 5.41
N ILE A 381 0.48 31.49 5.61
CA ILE A 381 -0.81 31.23 4.98
C ILE A 381 -0.64 31.26 3.46
N ALA A 382 0.05 32.27 2.95
CA ALA A 382 0.27 32.38 1.51
C ALA A 382 1.09 31.20 0.96
N GLU A 383 2.04 30.71 1.76
CA GLU A 383 2.85 29.56 1.37
C GLU A 383 1.99 28.31 1.26
N VAL A 384 1.11 28.10 2.24
CA VAL A 384 0.24 26.92 2.25
C VAL A 384 -0.73 26.92 1.08
N GLN A 385 -1.25 28.08 0.74
CA GLN A 385 -2.20 28.16 -0.37
C GLN A 385 -1.53 27.80 -1.68
N GLU A 386 -0.24 28.14 -1.84
CA GLU A 386 0.50 27.74 -3.04
C GLU A 386 0.80 26.26 -3.00
N MET A 387 1.06 25.74 -1.82
CA MET A 387 1.28 24.30 -1.67
C MET A 387 0.02 23.50 -2.04
N GLU A 388 -1.17 24.02 -1.69
CA GLU A 388 -2.41 23.37 -2.03
C GLU A 388 -2.69 23.42 -3.52
N LYS A 389 -2.36 24.54 -4.15
CA LYS A 389 -2.47 24.65 -5.61
C LYS A 389 -1.56 23.63 -6.28
N HIS A 390 -0.35 23.44 -5.74
CA HIS A 390 0.60 22.48 -6.31
C HIS A 390 0.18 21.06 -6.05
N ARG A 391 -0.37 20.76 -4.88
CA ARG A 391 -0.85 19.41 -4.56
C ARG A 391 -2.06 19.04 -5.39
N ILE A 392 -2.77 20.05 -5.94
CA ILE A 392 -3.89 19.81 -6.83
C ILE A 392 -3.36 19.30 -8.17
N GLU A 393 -2.03 19.20 -8.30
CA GLU A 393 -1.41 18.63 -9.49
C GLU A 393 -1.76 17.20 -9.69
N SER A 394 -2.25 16.49 -8.66
CA SER A 394 -2.63 15.09 -8.79
C SER A 394 -3.63 14.85 -9.91
N GLU A 395 -4.19 15.93 -10.47
CA GLU A 395 -4.98 15.86 -11.69
C GLU A 395 -4.06 15.44 -12.84
N LEU A 396 -2.79 15.80 -12.77
CA LEU A 396 -1.80 15.34 -13.73
C LEU A 396 -1.60 13.84 -13.57
N GLU A 397 -1.65 13.31 -12.34
CA GLU A 397 -1.44 11.88 -12.09
C GLU A 397 -2.51 11.07 -12.75
N LYS A 398 -3.76 11.54 -12.65
CA LYS A 398 -4.87 10.92 -13.36
C LYS A 398 -4.71 11.41 -14.79
N GLN A 399 -3.68 10.92 -15.46
CA GLN A 399 -3.21 11.34 -16.77
C GLN A 399 -4.15 12.30 -17.51
N SER B 39 -8.57 -29.29 -34.53
CA SER B 39 -8.95 -29.37 -33.11
C SER B 39 -9.62 -28.10 -32.61
N ASN B 40 -10.92 -27.95 -32.77
CA ASN B 40 -11.87 -28.70 -33.61
C ASN B 40 -12.06 -30.22 -33.35
N ASP B 41 -11.77 -30.68 -32.13
CA ASP B 41 -12.22 -31.98 -31.66
C ASP B 41 -13.03 -31.64 -30.43
N VAL B 42 -14.35 -31.75 -30.57
CA VAL B 42 -15.27 -31.33 -29.53
C VAL B 42 -15.12 -32.11 -28.26
N ILE B 43 -14.84 -33.41 -28.41
CA ILE B 43 -14.75 -34.26 -27.24
C ILE B 43 -13.50 -33.96 -26.45
N ARG B 44 -12.39 -33.73 -27.15
CA ARG B 44 -11.12 -33.43 -26.48
C ARG B 44 -11.19 -32.09 -25.77
N LYS B 45 -11.77 -31.08 -26.42
CA LYS B 45 -11.93 -29.77 -25.80
C LYS B 45 -12.89 -29.86 -24.61
N ARG B 46 -13.92 -30.70 -24.70
CA ARG B 46 -14.87 -30.85 -23.62
C ARG B 46 -14.23 -31.38 -22.36
N HIS B 47 -13.37 -32.39 -22.52
CA HIS B 47 -12.72 -33.01 -21.36
C HIS B 47 -11.61 -32.13 -20.79
N TYR B 48 -11.10 -31.17 -21.58
CA TYR B 48 -10.19 -30.16 -21.05
C TYR B 48 -10.98 -29.24 -20.12
N ARG B 49 -12.17 -28.82 -20.57
CA ARG B 49 -13.03 -27.97 -19.74
C ARG B 49 -13.49 -28.69 -18.48
N ILE B 50 -13.75 -30.01 -18.60
CA ILE B 50 -14.12 -30.82 -17.45
C ILE B 50 -13.00 -30.81 -16.42
N GLY B 51 -11.75 -30.91 -16.89
CA GLY B 51 -10.60 -30.88 -16.00
C GLY B 51 -10.51 -29.56 -15.25
N LEU B 52 -10.78 -28.45 -15.95
CA LEU B 52 -10.77 -27.13 -15.32
C LEU B 52 -11.91 -27.01 -14.32
N ASN B 53 -13.10 -27.53 -14.67
CA ASN B 53 -14.24 -27.51 -13.74
C ASN B 53 -13.95 -28.26 -12.48
N LEU B 54 -13.34 -29.45 -12.61
CA LEU B 54 -12.96 -30.24 -11.45
C LEU B 54 -11.91 -29.53 -10.61
N PHE B 55 -10.96 -28.85 -11.24
CA PHE B 55 -9.98 -28.09 -10.47
C PHE B 55 -10.63 -27.01 -9.65
N ASN B 56 -11.60 -26.32 -10.25
CA ASN B 56 -12.26 -25.21 -9.58
C ASN B 56 -13.22 -25.64 -8.49
N LYS B 57 -13.50 -26.95 -8.38
CA LYS B 57 -14.30 -27.52 -7.30
C LYS B 57 -13.43 -28.23 -6.29
N LYS B 58 -12.52 -29.11 -6.78
CA LYS B 58 -11.60 -29.88 -5.93
C LYS B 58 -10.23 -29.90 -6.62
N PRO B 59 -9.38 -28.94 -6.30
CA PRO B 59 -8.13 -28.78 -7.06
C PRO B 59 -7.29 -30.02 -7.27
N GLU B 60 -7.18 -30.87 -6.26
CA GLU B 60 -6.36 -32.08 -6.34
C GLU B 60 -6.87 -33.04 -7.34
N LYS B 61 -8.21 -33.14 -7.47
CA LYS B 61 -8.82 -34.04 -8.45
C LYS B 61 -8.73 -33.49 -9.86
N GLY B 62 -8.80 -32.15 -10.00
CA GLY B 62 -8.68 -31.52 -11.31
C GLY B 62 -7.28 -31.67 -11.88
N VAL B 63 -6.29 -31.49 -11.04
CA VAL B 63 -4.91 -31.66 -11.47
C VAL B 63 -4.70 -33.11 -11.89
N GLN B 64 -5.22 -34.04 -11.11
CA GLN B 64 -5.11 -35.45 -11.43
C GLN B 64 -5.79 -35.75 -12.75
N TYR B 65 -7.00 -35.22 -12.94
CA TYR B 65 -7.74 -35.47 -14.18
C TYR B 65 -7.02 -34.90 -15.37
N LEU B 66 -6.48 -33.68 -15.21
CA LEU B 66 -5.76 -33.02 -16.31
C LEU B 66 -4.47 -33.74 -16.67
N ILE B 67 -3.78 -34.30 -15.67
CA ILE B 67 -2.56 -35.06 -15.89
C ILE B 67 -2.86 -36.38 -16.57
N GLU B 68 -3.85 -37.11 -16.05
CA GLU B 68 -4.24 -38.42 -16.61
C GLU B 68 -4.70 -38.34 -18.05
N ARG B 69 -5.17 -37.16 -18.48
CA ARG B 69 -5.62 -36.95 -19.85
C ARG B 69 -4.57 -36.39 -20.78
N GLY B 70 -3.38 -36.10 -20.25
CA GLY B 70 -2.28 -35.60 -21.07
C GLY B 70 -2.30 -34.12 -21.38
N PHE B 71 -3.10 -33.35 -20.63
CA PHE B 71 -3.17 -31.90 -20.84
C PHE B 71 -2.09 -31.10 -20.14
N VAL B 72 -1.41 -31.73 -19.19
CA VAL B 72 -0.32 -31.11 -18.46
C VAL B 72 0.66 -32.19 -18.06
N PRO B 73 1.96 -31.91 -18.11
CA PRO B 73 2.94 -32.93 -17.70
C PRO B 73 2.78 -33.28 -16.22
N ASP B 74 3.21 -34.50 -15.89
CA ASP B 74 3.15 -35.02 -14.53
C ASP B 74 4.41 -34.65 -13.75
N THR B 75 4.71 -33.35 -13.76
CA THR B 75 5.84 -32.81 -13.03
C THR B 75 5.43 -31.56 -12.30
N PRO B 76 6.09 -31.26 -11.17
CA PRO B 76 5.77 -30.03 -10.45
C PRO B 76 5.96 -28.75 -11.28
N VAL B 77 7.02 -28.70 -12.07
CA VAL B 77 7.27 -27.53 -12.90
C VAL B 77 6.21 -27.38 -13.99
N GLY B 78 5.75 -28.50 -14.54
CA GLY B 78 4.72 -28.48 -15.57
C GLY B 78 3.41 -27.91 -15.03
N VAL B 79 3.04 -28.37 -13.83
CA VAL B 79 1.82 -27.90 -13.20
C VAL B 79 1.97 -26.46 -12.76
N ALA B 80 3.19 -26.08 -12.32
CA ALA B 80 3.46 -24.71 -11.89
C ALA B 80 3.20 -23.72 -13.02
N HIS B 81 3.73 -24.00 -14.19
CA HIS B 81 3.53 -23.14 -15.35
C HIS B 81 2.09 -23.19 -15.86
N PHE B 82 1.44 -24.36 -15.75
CA PHE B 82 0.03 -24.50 -16.14
C PHE B 82 -0.85 -23.59 -15.30
N LEU B 83 -0.65 -23.64 -13.98
CA LEU B 83 -1.46 -22.86 -13.06
C LEU B 83 -1.35 -21.37 -13.27
N LEU B 84 -0.15 -20.91 -13.64
CA LEU B 84 0.09 -19.49 -13.80
C LEU B 84 -0.26 -18.92 -15.17
N GLN B 85 -0.40 -19.77 -16.19
CA GLN B 85 -0.60 -19.29 -17.55
C GLN B 85 -1.96 -19.57 -18.18
N ARG B 86 -2.65 -20.62 -17.73
CA ARG B 86 -3.90 -21.04 -18.37
C ARG B 86 -5.12 -20.35 -17.86
N LYS B 87 -6.00 -20.02 -18.80
CA LYS B 87 -7.28 -19.39 -18.49
C LYS B 87 -8.28 -20.44 -18.08
N GLY B 88 -9.30 -19.98 -17.34
CA GLY B 88 -10.36 -20.87 -16.85
C GLY B 88 -10.08 -21.47 -15.48
N LEU B 89 -8.98 -21.04 -14.83
CA LEU B 89 -8.64 -21.48 -13.49
C LEU B 89 -8.93 -20.36 -12.50
N SER B 90 -9.66 -20.70 -11.44
CA SER B 90 -10.01 -19.76 -10.39
C SER B 90 -8.77 -19.44 -9.59
N ARG B 91 -8.55 -18.14 -9.42
CA ARG B 91 -7.42 -17.67 -8.63
C ARG B 91 -7.52 -18.12 -7.18
N GLN B 92 -8.75 -18.20 -6.67
CA GLN B 92 -8.96 -18.71 -5.32
C GLN B 92 -8.51 -20.15 -5.21
N MET B 93 -8.87 -20.98 -6.19
CA MET B 93 -8.57 -22.41 -6.14
C MET B 93 -7.13 -22.72 -6.46
N ILE B 94 -6.45 -21.85 -7.20
CA ILE B 94 -5.00 -21.97 -7.39
C ILE B 94 -4.34 -21.82 -6.02
N GLY B 95 -4.80 -20.84 -5.22
CA GLY B 95 -4.27 -20.63 -3.88
C GLY B 95 -4.58 -21.79 -2.93
N GLU B 96 -5.75 -22.40 -3.10
CA GLU B 96 -6.11 -23.54 -2.26
C GLU B 96 -5.27 -24.76 -2.59
N PHE B 97 -4.89 -24.92 -3.86
CA PHE B 97 -4.02 -26.02 -4.24
C PHE B 97 -2.61 -25.80 -3.74
N LEU B 98 -2.08 -24.61 -4.02
CA LEU B 98 -0.71 -24.28 -3.65
C LEU B 98 -0.51 -24.18 -2.15
N GLY B 99 -1.57 -23.81 -1.43
CA GLY B 99 -1.51 -23.69 0.03
C GLY B 99 -1.68 -24.98 0.80
N ASN B 100 -1.89 -26.09 0.10
CA ASN B 100 -2.02 -27.38 0.71
C ASN B 100 -0.64 -27.90 1.04
N ARG B 101 -0.34 -27.81 2.32
CA ARG B 101 0.94 -28.24 2.85
C ARG B 101 1.05 -29.74 3.05
N GLN B 102 -0.06 -30.47 2.92
CA GLN B 102 -0.12 -31.88 3.27
C GLN B 102 0.35 -32.82 2.23
N LYS B 103 0.32 -32.44 0.94
CA LYS B 103 0.77 -33.29 -0.14
C LYS B 103 2.05 -32.79 -0.72
N GLN B 104 3.03 -33.71 -0.86
CA GLN B 104 4.36 -33.32 -1.34
C GLN B 104 4.36 -32.73 -2.72
N PHE B 105 3.49 -33.23 -3.59
CA PHE B 105 3.40 -32.69 -4.93
C PHE B 105 3.00 -31.23 -4.92
N ASN B 106 1.98 -30.89 -4.14
CA ASN B 106 1.55 -29.50 -4.01
C ASN B 106 2.65 -28.60 -3.52
N ARG B 107 3.38 -29.08 -2.51
CA ARG B 107 4.51 -28.32 -1.98
C ARG B 107 5.58 -28.08 -3.01
N ASP B 108 5.88 -29.11 -3.81
CA ASP B 108 6.89 -29.00 -4.87
C ASP B 108 6.44 -28.06 -5.95
N VAL B 109 5.13 -28.04 -6.25
CA VAL B 109 4.62 -27.11 -7.25
C VAL B 109 4.77 -25.69 -6.78
N LEU B 110 4.45 -25.42 -5.52
CA LEU B 110 4.59 -24.08 -4.97
C LEU B 110 6.02 -23.61 -4.98
N ASP B 111 6.95 -24.53 -4.74
CA ASP B 111 8.36 -24.22 -4.78
C ASP B 111 8.74 -23.79 -6.17
N CYS B 112 8.23 -24.49 -7.19
CA CYS B 112 8.48 -24.12 -8.58
C CYS B 112 7.82 -22.78 -8.91
N VAL B 113 6.66 -22.49 -8.32
CA VAL B 113 5.94 -21.24 -8.59
C VAL B 113 6.75 -20.06 -8.10
N VAL B 114 7.24 -20.11 -6.86
CA VAL B 114 7.99 -18.99 -6.32
C VAL B 114 9.39 -18.86 -6.92
N ASP B 115 10.00 -19.99 -7.31
CA ASP B 115 11.33 -19.96 -7.92
C ASP B 115 11.31 -19.34 -9.30
N GLU B 116 10.12 -19.17 -9.87
CA GLU B 116 9.98 -18.46 -11.13
C GLU B 116 9.76 -16.97 -10.94
N MET B 117 9.57 -16.53 -9.70
CA MET B 117 9.33 -15.13 -9.38
C MET B 117 10.60 -14.47 -8.87
N ASP B 118 10.78 -13.23 -9.33
CA ASP B 118 11.92 -12.41 -8.96
C ASP B 118 11.45 -11.29 -8.06
N PHE B 119 11.93 -11.34 -6.82
CA PHE B 119 11.61 -10.34 -5.80
C PHE B 119 12.80 -9.49 -5.42
N SER B 120 13.90 -9.55 -6.22
CA SER B 120 15.10 -8.79 -5.89
C SER B 120 14.87 -7.30 -6.00
N THR B 121 15.49 -6.59 -5.05
CA THR B 121 15.42 -5.12 -4.97
C THR B 121 14.03 -4.57 -4.81
N MET B 122 13.17 -5.36 -4.15
CA MET B 122 11.81 -4.94 -3.84
C MET B 122 11.63 -4.90 -2.34
N GLU B 123 10.70 -4.02 -1.93
CA GLU B 123 10.22 -4.04 -0.57
C GLU B 123 9.23 -5.20 -0.44
N LEU B 124 8.99 -5.63 0.79
CA LEU B 124 8.20 -6.82 1.06
C LEU B 124 6.81 -6.77 0.46
N ASP B 125 6.16 -5.62 0.58
CA ASP B 125 4.82 -5.45 0.04
C ASP B 125 4.80 -5.41 -1.46
N GLU B 126 5.88 -4.89 -2.07
CA GLU B 126 6.00 -4.88 -3.54
C GLU B 126 6.13 -6.29 -4.06
N ALA B 127 6.89 -7.13 -3.35
CA ALA B 127 7.03 -8.52 -3.72
C ALA B 127 5.71 -9.27 -3.54
N LEU B 128 5.00 -8.99 -2.45
CA LEU B 128 3.70 -9.61 -2.19
C LEU B 128 2.67 -9.22 -3.25
N ARG B 129 2.76 -7.98 -3.76
CA ARG B 129 1.88 -7.53 -4.83
C ARG B 129 2.06 -8.40 -6.05
N LYS B 130 3.30 -8.74 -6.38
CA LYS B 130 3.57 -9.59 -7.53
C LYS B 130 3.09 -11.01 -7.29
N PHE B 131 3.26 -11.48 -6.06
CA PHE B 131 2.80 -12.81 -5.70
C PHE B 131 1.27 -12.92 -5.76
N GLN B 132 0.58 -11.93 -5.16
CA GLN B 132 -0.88 -11.90 -5.11
C GLN B 132 -1.53 -11.65 -6.48
N ALA B 133 -0.78 -11.06 -7.40
CA ALA B 133 -1.32 -10.80 -8.73
C ALA B 133 -1.74 -12.08 -9.42
N HIS B 134 -1.02 -13.16 -9.15
CA HIS B 134 -1.29 -14.46 -9.74
C HIS B 134 -2.13 -15.36 -8.85
N ILE B 135 -1.94 -15.28 -7.54
CA ILE B 135 -2.55 -16.16 -6.55
C ILE B 135 -3.31 -15.34 -5.53
N ARG B 136 -4.56 -15.72 -5.28
CA ARG B 136 -5.33 -15.04 -4.24
C ARG B 136 -4.91 -15.59 -2.89
N VAL B 137 -4.28 -14.71 -2.10
CA VAL B 137 -3.79 -15.06 -0.77
C VAL B 137 -4.78 -14.47 0.21
N GLN B 138 -5.79 -15.27 0.54
CA GLN B 138 -6.85 -14.85 1.44
C GLN B 138 -7.75 -16.04 1.73
N GLY B 139 -8.17 -16.13 2.98
CA GLY B 139 -9.06 -17.20 3.41
C GLY B 139 -8.56 -17.92 4.64
N GLU B 140 -8.59 -19.26 4.57
CA GLU B 140 -8.22 -20.11 5.68
C GLU B 140 -6.81 -19.83 6.11
N ALA B 141 -6.64 -19.70 7.44
CA ALA B 141 -5.36 -19.33 8.00
C ALA B 141 -4.24 -20.31 7.68
N GLN B 142 -4.52 -21.57 7.65
CA GLN B 142 -3.50 -22.59 7.35
C GLN B 142 -3.07 -22.55 5.90
N LYS B 143 -3.98 -22.23 4.98
CA LYS B 143 -3.63 -22.06 3.57
C LYS B 143 -2.77 -20.82 3.42
N VAL B 144 -3.20 -19.74 4.04
CA VAL B 144 -2.50 -18.47 3.96
C VAL B 144 -1.11 -18.60 4.54
N GLU B 145 -0.95 -19.32 5.66
CA GLU B 145 0.37 -19.49 6.27
C GLU B 145 1.32 -20.17 5.31
N ARG B 146 0.87 -21.26 4.70
CA ARG B 146 1.74 -22.00 3.79
C ARG B 146 2.15 -21.14 2.61
N LEU B 147 1.18 -20.40 2.05
CA LEU B 147 1.49 -19.50 0.94
C LEU B 147 2.49 -18.45 1.33
N ILE B 148 2.29 -17.88 2.52
CA ILE B 148 3.20 -16.85 3.03
C ILE B 148 4.56 -17.41 3.34
N GLU B 149 4.62 -18.66 3.80
CA GLU B 149 5.90 -19.30 4.12
C GLU B 149 6.77 -19.42 2.89
N ALA B 150 6.20 -19.95 1.83
CA ALA B 150 6.98 -20.12 0.61
C ALA B 150 7.33 -18.78 -0.02
N PHE B 151 6.40 -17.82 0.05
CA PHE B 151 6.67 -16.48 -0.47
C PHE B 151 7.84 -15.86 0.28
N SER B 152 7.80 -15.92 1.59
CA SER B 152 8.80 -15.27 2.43
C SER B 152 10.18 -15.85 2.26
N GLN B 153 10.25 -17.20 2.14
CA GLN B 153 11.53 -17.87 1.93
C GLN B 153 12.15 -17.40 0.64
N ARG B 154 11.32 -17.23 -0.41
CA ARG B 154 11.83 -16.73 -1.68
C ARG B 154 12.27 -15.27 -1.59
N TYR B 155 11.49 -14.46 -0.90
CA TYR B 155 11.86 -13.06 -0.75
C TYR B 155 13.19 -12.93 -0.05
N ILE B 157 15.68 -15.06 0.13
CA ILE B 157 16.75 -15.48 -0.78
C ILE B 157 17.07 -14.37 -1.75
N ASN B 159 16.67 -11.13 -1.26
CA ASN B 159 17.02 -9.88 -0.57
C ASN B 159 17.71 -10.11 0.77
N PRO B 160 18.91 -10.68 0.75
CA PRO B 160 19.68 -10.87 2.00
C PRO B 160 20.04 -9.60 2.73
N GLY B 161 20.12 -8.48 2.01
CA GLY B 161 20.42 -7.19 2.62
C GLY B 161 19.27 -6.61 3.43
N VAL B 162 18.04 -6.94 3.03
CA VAL B 162 16.87 -6.52 3.80
C VAL B 162 16.75 -7.38 5.04
N VAL B 163 17.00 -8.68 4.91
CA VAL B 163 16.88 -9.62 6.02
C VAL B 163 17.78 -9.26 7.18
N ARG B 164 18.99 -8.79 6.88
CA ARG B 164 19.95 -8.41 7.92
C ARG B 164 19.58 -7.16 8.70
N GLN B 165 18.51 -6.45 8.26
CA GLN B 165 18.02 -5.29 8.98
C GLN B 165 17.00 -5.65 10.04
N PHE B 166 16.65 -6.95 10.14
CA PHE B 166 15.77 -7.46 11.18
C PHE B 166 16.59 -8.25 12.19
N ARG B 167 16.13 -8.23 13.44
CA ARG B 167 16.80 -8.96 14.52
C ARG B 167 16.68 -10.47 14.31
N ASN B 168 15.52 -10.95 13.82
CA ASN B 168 15.25 -12.33 13.50
C ASN B 168 14.67 -12.43 12.10
N PRO B 169 15.28 -13.23 11.23
CA PRO B 169 14.72 -13.39 9.87
C PRO B 169 13.30 -13.91 9.82
N ASP B 170 12.88 -14.68 10.84
CA ASP B 170 11.51 -15.19 10.93
C ASP B 170 10.43 -14.11 11.10
N THR B 171 10.87 -12.89 11.38
CA THR B 171 9.94 -11.76 11.45
C THR B 171 9.38 -11.42 10.08
N ILE B 172 10.06 -11.84 8.99
CA ILE B 172 9.54 -11.60 7.65
C ILE B 172 8.19 -12.26 7.49
N PHE B 173 8.06 -13.51 7.99
CA PHE B 173 6.78 -14.20 7.91
C PHE B 173 5.68 -13.42 8.57
N ILE B 174 5.98 -12.86 9.74
CA ILE B 174 4.98 -12.12 10.50
C ILE B 174 4.54 -10.87 9.77
N LEU B 175 5.51 -10.09 9.27
CA LEU B 175 5.20 -8.86 8.54
C LEU B 175 4.44 -9.12 7.26
N ALA B 176 4.78 -10.20 6.57
CA ALA B 176 4.07 -10.55 5.34
C ALA B 176 2.60 -10.82 5.58
N PHE B 177 2.31 -11.57 6.64
CA PHE B 177 0.93 -11.85 7.00
C PHE B 177 0.21 -10.56 7.39
N ALA B 178 0.91 -9.64 8.10
CA ALA B 178 0.33 -8.35 8.49
C ALA B 178 0.00 -7.48 7.28
N ILE B 179 0.78 -7.61 6.20
CA ILE B 179 0.52 -6.87 4.97
C ILE B 179 -0.79 -7.36 4.34
N ILE B 180 -0.99 -8.68 4.32
CA ILE B 180 -2.21 -9.25 3.76
C ILE B 180 -3.44 -8.81 4.53
N LEU B 181 -3.35 -8.86 5.87
CA LEU B 181 -4.45 -8.44 6.73
C LEU B 181 -4.78 -6.97 6.55
N LEU B 182 -3.75 -6.13 6.38
CA LEU B 182 -3.98 -4.71 6.19
C LEU B 182 -4.68 -4.42 4.87
N ASN B 183 -4.22 -5.08 3.80
CA ASN B 183 -4.80 -4.86 2.49
C ASN B 183 -6.28 -5.25 2.48
N THR B 184 -6.61 -6.39 3.12
CA THR B 184 -7.99 -6.80 3.22
C THR B 184 -8.80 -5.80 3.99
N ASP B 185 -8.28 -5.37 5.14
CA ASP B 185 -8.98 -4.40 5.98
C ASP B 185 -9.18 -3.07 5.29
N MET B 186 -8.14 -2.57 4.64
CA MET B 186 -8.21 -1.25 4.02
C MET B 186 -9.19 -1.17 2.85
N TYR B 187 -9.35 -2.27 2.13
CA TYR B 187 -10.22 -2.30 0.95
C TYR B 187 -11.37 -3.28 1.08
N SER B 188 -11.81 -3.51 2.31
CA SER B 188 -12.97 -4.36 2.53
C SER B 188 -14.23 -3.52 2.35
N PRO B 189 -15.20 -4.03 1.58
CA PRO B 189 -16.45 -3.28 1.43
C PRO B 189 -17.45 -3.42 2.56
N ASN B 190 -17.01 -3.78 3.74
CA ASN B 190 -17.87 -3.83 4.93
C ASN B 190 -17.26 -3.17 6.13
N VAL B 191 -15.94 -2.97 6.11
CA VAL B 191 -15.34 -2.23 7.19
C VAL B 191 -15.46 -0.79 6.77
N LYS B 192 -16.25 0.01 7.51
CA LYS B 192 -16.43 1.43 7.23
C LYS B 192 -15.15 2.16 7.58
N PRO B 193 -14.84 3.24 6.85
CA PRO B 193 -13.59 3.96 7.10
C PRO B 193 -13.26 4.22 8.55
N GLU B 194 -14.28 4.50 9.39
CA GLU B 194 -14.08 4.78 10.80
C GLU B 194 -13.56 3.60 11.60
N ARG B 195 -13.81 2.38 11.09
CA ARG B 195 -13.35 1.16 11.75
C ARG B 195 -12.11 0.56 11.13
N LYS B 196 -11.60 1.16 10.05
CA LYS B 196 -10.42 0.60 9.37
C LYS B 196 -9.17 0.86 10.15
N MET B 197 -8.16 0.03 9.89
CA MET B 197 -6.88 0.11 10.56
C MET B 197 -6.11 1.31 10.04
N LYS B 198 -5.84 2.21 10.97
CA LYS B 198 -5.08 3.41 10.66
C LYS B 198 -3.60 3.11 10.78
N LEU B 199 -2.79 4.06 10.34
CA LEU B 199 -1.33 3.88 10.36
C LEU B 199 -0.84 3.45 11.72
N GLU B 200 -1.20 4.21 12.76
CA GLU B 200 -0.75 3.89 14.11
C GLU B 200 -1.31 2.58 14.63
N ASP B 201 -2.46 2.16 14.11
CA ASP B 201 -3.03 0.86 14.46
C ASP B 201 -2.23 -0.26 13.82
N PHE B 202 -1.82 -0.08 12.56
CA PHE B 202 -0.98 -1.05 11.89
C PHE B 202 0.36 -1.19 12.61
N ILE B 203 0.93 -0.05 13.03
CA ILE B 203 2.20 -0.05 13.75
C ILE B 203 2.06 -0.70 15.11
N LYS B 204 1.03 -0.33 15.86
CA LYS B 204 0.86 -0.86 17.21
C LYS B 204 0.65 -2.35 17.25
N ASN B 205 -0.07 -2.88 16.25
CA ASN B 205 -0.35 -4.32 16.21
C ASN B 205 0.88 -5.17 16.00
N LEU B 206 1.95 -4.55 15.47
CA LEU B 206 3.21 -5.27 15.22
C LEU B 206 4.25 -5.06 16.30
N ARG B 207 3.89 -4.39 17.36
CA ARG B 207 4.86 -4.11 18.41
C ARG B 207 5.41 -5.38 19.04
N GLY B 208 6.74 -5.42 19.13
CA GLY B 208 7.46 -6.49 19.79
C GLY B 208 7.60 -7.82 19.06
N VAL B 209 7.27 -7.86 17.77
CA VAL B 209 7.34 -9.11 17.02
C VAL B 209 8.76 -9.53 16.64
N ASP B 210 9.72 -8.58 16.65
CA ASP B 210 11.10 -8.87 16.26
C ASP B 210 11.95 -9.18 17.45
N ASP B 211 11.84 -10.43 17.90
CA ASP B 211 12.54 -10.92 19.06
C ASP B 211 12.28 -10.04 20.28
N GLY B 212 11.03 -9.64 20.45
CA GLY B 212 10.62 -8.80 21.58
C GLY B 212 10.65 -7.31 21.31
N GLU B 213 11.27 -6.90 20.18
CA GLU B 213 11.39 -5.50 19.81
C GLU B 213 10.60 -5.18 18.57
N ASP B 214 10.51 -3.89 18.29
CA ASP B 214 9.72 -3.39 17.19
C ASP B 214 10.46 -3.37 15.88
N ILE B 215 9.66 -3.51 14.77
CA ILE B 215 10.20 -3.33 13.43
C ILE B 215 10.36 -1.82 13.28
N PRO B 216 11.45 -1.37 12.66
CA PRO B 216 11.66 0.07 12.49
C PRO B 216 10.44 0.77 11.90
N ARG B 217 10.07 1.85 12.58
CA ARG B 217 8.85 2.56 12.25
C ARG B 217 8.72 2.96 10.80
N GLU B 218 9.85 3.45 10.25
CA GLU B 218 9.78 3.95 8.86
CA GLU B 218 9.78 3.95 8.86
C GLU B 218 9.56 2.86 7.82
N MET B 219 9.92 1.61 8.15
CA MET B 219 9.65 0.51 7.23
C MET B 219 8.14 0.30 7.15
N LEU B 220 7.49 0.29 8.32
CA LEU B 220 6.03 0.09 8.39
C LEU B 220 5.24 1.23 7.80
N MET B 221 5.77 2.45 7.93
CA MET B 221 5.13 3.63 7.35
C MET B 221 5.14 3.57 5.84
N GLY B 222 6.25 3.11 5.24
CA GLY B 222 6.34 2.99 3.78
C GLY B 222 5.42 1.93 3.21
N ILE B 223 5.30 0.82 3.94
CA ILE B 223 4.39 -0.26 3.55
C ILE B 223 2.96 0.25 3.56
N TYR B 224 2.54 0.87 4.67
CA TYR B 224 1.17 1.36 4.77
C TYR B 224 0.83 2.31 3.66
N GLU B 225 1.78 3.17 3.30
CA GLU B 225 1.50 4.16 2.30
C GLU B 225 1.34 3.60 0.91
N ARG B 226 2.16 2.64 0.56
CA ARG B 226 2.06 2.01 -0.75
C ARG B 226 0.77 1.23 -0.89
N ILE B 227 0.30 0.62 0.21
CA ILE B 227 -0.97 -0.09 0.18
C ILE B 227 -2.11 0.88 0.08
N ARG B 228 -2.02 2.03 0.78
CA ARG B 228 -3.04 3.07 0.69
C ARG B 228 -3.14 3.62 -0.71
N LYS B 229 -2.03 3.66 -1.44
CA LYS B 229 -2.05 4.17 -2.81
C LYS B 229 -2.60 3.19 -3.80
N ARG B 230 -2.34 1.89 -3.61
CA ARG B 230 -2.76 0.86 -4.55
C ARG B 230 -3.05 -0.44 -3.83
N GLU B 231 -4.32 -0.85 -3.92
CA GLU B 231 -4.76 -2.14 -3.35
C GLU B 231 -4.04 -3.27 -4.05
N LEU B 232 -3.76 -4.32 -3.26
CA LEU B 232 -3.13 -5.53 -3.76
C LEU B 232 -4.22 -6.37 -4.43
N LYS B 233 -4.35 -6.19 -5.74
CA LYS B 233 -5.36 -6.89 -6.52
C LYS B 233 -4.78 -8.11 -7.20
N THR B 234 -5.64 -9.13 -7.30
CA THR B 234 -5.32 -10.33 -8.04
C THR B 234 -5.86 -10.12 -9.46
N ASN B 235 -5.09 -10.65 -10.43
CA ASN B 235 -5.48 -10.55 -11.83
C ASN B 235 -6.81 -11.21 -12.05
N GLU B 236 -7.60 -10.65 -12.94
CA GLU B 236 -8.93 -11.15 -13.19
C GLU B 236 -8.95 -12.53 -13.79
N ASP B 237 -10.02 -13.26 -13.49
CA ASP B 237 -10.28 -14.57 -14.03
C ASP B 237 -11.73 -14.63 -14.46
N HIS B 238 -12.21 -15.83 -14.80
CA HIS B 238 -13.60 -16.01 -15.23
C HIS B 238 -14.60 -15.67 -14.15
N VAL B 239 -14.18 -15.80 -12.89
CA VAL B 239 -15.05 -15.47 -11.77
C VAL B 239 -15.30 -13.97 -11.72
N SER B 240 -14.30 -13.18 -12.08
CA SER B 240 -14.44 -11.72 -12.12
C SER B 240 -15.54 -11.32 -13.11
N GLN B 241 -15.63 -12.03 -14.22
CA GLN B 241 -16.64 -11.74 -15.23
C GLN B 241 -18.04 -12.04 -14.73
N VAL B 242 -18.20 -13.16 -13.98
CA VAL B 242 -19.50 -13.50 -13.43
C VAL B 242 -19.90 -12.52 -12.35
N GLN B 243 -18.92 -12.03 -11.58
CA GLN B 243 -19.19 -11.02 -10.56
C GLN B 243 -19.74 -9.74 -11.19
N LYS B 244 -19.22 -9.36 -12.35
CA LYS B 244 -19.71 -8.16 -13.05
C LYS B 244 -21.19 -8.33 -13.48
N VAL B 245 -21.52 -9.51 -14.02
CA VAL B 245 -22.90 -9.82 -14.41
C VAL B 245 -23.78 -9.89 -13.18
N GLU B 246 -23.24 -10.53 -12.16
CA GLU B 246 -23.95 -10.74 -10.91
C GLU B 246 -24.52 -9.45 -10.34
N LYS B 247 -23.71 -8.39 -10.33
CA LYS B 247 -24.11 -7.10 -9.78
C LYS B 247 -25.14 -6.37 -10.62
N LEU B 248 -25.31 -6.73 -11.89
CA LEU B 248 -26.33 -6.13 -12.76
C LEU B 248 -27.69 -6.77 -12.64
N ILE B 249 -27.74 -7.97 -12.01
CA ILE B 249 -28.98 -8.70 -11.81
C ILE B 249 -29.45 -8.52 -10.39
N VAL B 250 -30.71 -8.11 -10.25
CA VAL B 250 -31.32 -7.87 -8.97
C VAL B 250 -32.35 -8.94 -8.72
N GLY B 251 -32.42 -9.37 -7.46
CA GLY B 251 -33.44 -10.34 -7.06
C GLY B 251 -33.09 -11.79 -7.29
N LYS B 252 -31.78 -12.11 -7.27
CA LYS B 252 -31.35 -13.48 -7.46
C LYS B 252 -31.73 -14.32 -6.27
N LYS B 253 -32.17 -15.55 -6.57
CA LYS B 253 -32.57 -16.51 -5.55
C LYS B 253 -32.06 -17.89 -5.95
N PRO B 254 -31.76 -18.73 -4.95
CA PRO B 254 -31.30 -20.09 -5.26
C PRO B 254 -32.43 -20.99 -5.76
N ILE B 255 -32.05 -22.01 -6.52
CA ILE B 255 -33.00 -22.96 -7.08
C ILE B 255 -33.66 -23.70 -5.93
N GLY B 256 -34.97 -23.91 -6.07
CA GLY B 256 -35.76 -24.61 -5.07
C GLY B 256 -35.76 -23.91 -3.71
N SER B 257 -35.45 -22.60 -3.71
CA SER B 257 -35.38 -21.88 -2.46
C SER B 257 -36.75 -21.78 -1.83
N LEU B 258 -36.77 -22.09 -0.54
CA LEU B 258 -37.96 -21.96 0.30
C LEU B 258 -37.66 -21.05 1.48
N HIS B 259 -36.71 -20.14 1.25
CA HIS B 259 -36.26 -19.14 2.21
C HIS B 259 -36.19 -17.79 1.48
N PRO B 260 -36.11 -16.70 2.26
CA PRO B 260 -35.98 -15.36 1.64
C PRO B 260 -34.54 -15.00 1.32
N GLY B 261 -33.62 -15.95 1.50
CA GLY B 261 -32.23 -15.70 1.20
C GLY B 261 -32.02 -15.56 -0.30
N LEU B 262 -31.23 -14.55 -0.65
CA LEU B 262 -30.75 -14.40 -2.01
C LEU B 262 -29.42 -15.15 -2.04
N GLY B 263 -29.35 -16.26 -1.29
CA GLY B 263 -28.15 -17.08 -1.12
C GLY B 263 -27.72 -17.75 -2.40
N VAL B 265 -25.04 -16.60 -4.83
CA VAL B 265 -23.93 -15.93 -5.40
C VAL B 265 -23.73 -16.75 -6.67
N LEU B 266 -23.94 -16.06 -7.82
CA LEU B 266 -23.68 -16.73 -9.07
C LEU B 266 -22.22 -17.07 -9.25
N SER B 267 -21.33 -16.25 -8.70
CA SER B 267 -19.91 -16.33 -8.94
C SER B 267 -19.19 -17.37 -8.08
N LEU B 268 -19.63 -18.60 -8.20
CA LEU B 268 -18.95 -19.73 -7.58
C LEU B 268 -17.68 -19.99 -8.39
N PRO B 269 -16.66 -20.54 -7.72
CA PRO B 269 -15.34 -20.63 -8.37
C PRO B 269 -15.28 -21.36 -9.71
N HIS B 270 -16.19 -22.30 -9.92
CA HIS B 270 -16.23 -23.08 -11.16
C HIS B 270 -17.09 -22.50 -12.26
N ARG B 271 -17.94 -21.53 -11.92
CA ARG B 271 -18.89 -21.02 -12.88
C ARG B 271 -18.28 -20.02 -13.85
N ARG B 272 -18.60 -20.24 -15.11
CA ARG B 272 -18.10 -19.47 -16.23
C ARG B 272 -19.25 -19.05 -17.12
N LEU B 273 -19.22 -17.79 -17.55
CA LEU B 273 -20.22 -17.29 -18.49
C LEU B 273 -19.89 -17.80 -19.87
N VAL B 274 -20.91 -18.37 -20.53
CA VAL B 274 -20.76 -18.92 -21.86
C VAL B 274 -21.33 -17.97 -22.92
N TYR B 276 -24.58 -14.67 -23.75
CA TYR B 276 -25.74 -13.83 -23.51
C TYR B 276 -26.60 -13.91 -24.75
N ARG B 278 -30.82 -12.90 -26.22
CA ARG B 278 -32.17 -12.38 -26.09
C ARG B 278 -33.14 -13.33 -26.76
N LEU B 279 -34.12 -13.77 -25.98
CA LEU B 279 -35.17 -14.66 -26.45
C LEU B 279 -36.52 -14.20 -25.90
N PHE B 280 -37.58 -14.73 -26.51
CA PHE B 280 -38.93 -14.42 -26.10
C PHE B 280 -39.56 -15.67 -25.50
N GLU B 281 -40.03 -15.55 -24.25
CA GLU B 281 -40.65 -16.66 -23.57
C GLU B 281 -42.02 -16.94 -24.17
N VAL B 282 -42.32 -18.23 -24.27
CA VAL B 282 -43.56 -18.71 -24.84
C VAL B 282 -44.30 -19.55 -23.81
N PRO B 283 -45.27 -18.96 -23.13
CA PRO B 283 -46.05 -19.72 -22.16
C PRO B 283 -46.81 -20.92 -22.74
N ASP B 284 -47.35 -20.75 -23.96
CA ASP B 284 -48.09 -21.80 -24.63
C ASP B 284 -47.69 -21.88 -26.09
N PRO B 285 -46.94 -22.90 -26.47
CA PRO B 285 -46.54 -23.04 -27.88
C PRO B 285 -47.67 -23.29 -28.87
N ASN B 286 -48.84 -23.68 -28.35
CA ASN B 286 -50.00 -23.96 -29.19
C ASN B 286 -50.95 -22.80 -29.34
N LYS B 287 -50.57 -21.62 -28.83
CA LYS B 287 -51.36 -20.41 -28.93
C LYS B 287 -50.46 -19.26 -29.37
N PRO B 288 -50.89 -18.50 -30.37
CA PRO B 288 -50.06 -17.38 -30.83
C PRO B 288 -49.93 -16.28 -29.79
N GLN B 289 -48.92 -15.44 -30.00
CA GLN B 289 -48.66 -14.28 -29.16
C GLN B 289 -47.93 -13.23 -29.97
N LYS B 290 -48.07 -12.00 -29.51
CA LYS B 290 -47.40 -10.88 -30.15
C LYS B 290 -45.91 -11.03 -30.01
N LEU B 291 -45.22 -10.95 -31.14
CA LEU B 291 -43.77 -10.97 -31.14
C LEU B 291 -43.30 -9.71 -30.44
N GLY B 292 -42.45 -9.92 -29.43
CA GLY B 292 -41.98 -8.84 -28.57
C GLY B 292 -42.41 -9.03 -27.14
N LEU B 293 -43.56 -9.68 -26.94
CA LEU B 293 -44.02 -9.99 -25.60
C LEU B 293 -43.05 -10.98 -24.99
N HIS B 294 -42.94 -10.85 -23.72
CA HIS B 294 -42.17 -11.74 -22.90
C HIS B 294 -40.68 -11.78 -23.24
N GLN B 295 -40.10 -10.61 -23.50
CA GLN B 295 -38.68 -10.52 -23.82
C GLN B 295 -37.84 -10.88 -22.62
N ARG B 296 -36.84 -11.72 -22.87
CA ARG B 296 -35.94 -12.18 -21.82
C ARG B 296 -34.50 -12.03 -22.24
N GLU B 297 -33.66 -11.71 -21.26
CA GLU B 297 -32.22 -11.64 -21.43
C GLU B 297 -31.66 -12.85 -20.70
N ILE B 298 -31.14 -13.79 -21.49
CA ILE B 298 -30.65 -15.06 -21.00
C ILE B 298 -29.16 -15.04 -20.84
N PHE B 299 -28.73 -15.46 -19.64
CA PHE B 299 -27.32 -15.63 -19.33
C PHE B 299 -27.06 -17.11 -19.13
N LEU B 300 -26.32 -17.69 -20.10
CA LEU B 300 -25.94 -19.09 -20.06
C LEU B 300 -24.55 -19.23 -19.49
N PHE B 301 -24.49 -19.99 -18.40
CA PHE B 301 -23.24 -20.34 -17.75
C PHE B 301 -22.95 -21.81 -18.05
N ASN B 302 -21.73 -22.24 -17.73
CA ASN B 302 -21.30 -23.61 -18.04
C ASN B 302 -22.08 -24.68 -17.33
N ASP B 303 -22.75 -24.31 -16.23
CA ASP B 303 -23.57 -25.25 -15.48
C ASP B 303 -24.92 -24.67 -15.05
N LEU B 304 -25.34 -23.53 -15.64
CA LEU B 304 -26.57 -22.86 -15.24
C LEU B 304 -27.10 -21.94 -16.30
N LEU B 305 -28.44 -21.90 -16.41
CA LEU B 305 -29.15 -21.03 -17.32
C LEU B 305 -30.01 -20.10 -16.48
N VAL B 306 -29.74 -18.79 -16.61
CA VAL B 306 -30.43 -17.76 -15.86
C VAL B 306 -31.30 -16.96 -16.81
N VAL B 307 -32.58 -16.84 -16.42
CA VAL B 307 -33.56 -16.08 -17.18
C VAL B 307 -33.86 -14.81 -16.42
N THR B 308 -33.66 -13.68 -17.15
CA THR B 308 -33.96 -12.35 -16.63
C THR B 308 -34.77 -11.54 -17.63
N LYS B 309 -35.22 -10.38 -17.16
CA LYS B 309 -35.90 -9.37 -17.95
C LYS B 309 -35.24 -8.04 -17.62
N ILE B 310 -35.14 -7.16 -18.61
CA ILE B 310 -34.56 -5.84 -18.39
C ILE B 310 -35.39 -5.11 -17.33
N PHE B 311 -34.68 -4.48 -16.39
CA PHE B 311 -35.30 -3.70 -15.33
C PHE B 311 -35.24 -2.22 -15.67
N GLN B 312 -34.02 -1.69 -15.80
CA GLN B 312 -33.82 -0.31 -16.19
C GLN B 312 -32.81 -0.26 -17.29
N LYS B 313 -33.08 0.54 -18.30
CA LYS B 313 -32.21 0.67 -19.44
C LYS B 313 -32.00 2.12 -19.81
N LYS B 314 -30.72 2.45 -19.96
CA LYS B 314 -30.27 3.72 -20.49
C LYS B 314 -29.21 3.40 -21.55
N LYS B 315 -28.72 4.44 -22.23
CA LYS B 315 -27.73 4.27 -23.30
C LYS B 315 -26.54 3.46 -22.86
N ASN B 316 -25.95 3.84 -21.72
CA ASN B 316 -24.72 3.23 -21.23
C ASN B 316 -24.88 2.49 -19.91
N SER B 317 -26.10 2.03 -19.63
CA SER B 317 -26.38 1.28 -18.42
C SER B 317 -27.63 0.44 -18.58
N VAL B 318 -27.56 -0.80 -18.06
CA VAL B 318 -28.70 -1.68 -18.03
C VAL B 318 -28.60 -2.62 -16.83
N THR B 319 -29.76 -2.81 -16.19
CA THR B 319 -29.92 -3.74 -15.10
C THR B 319 -31.03 -4.70 -15.46
N TYR B 320 -30.99 -5.85 -14.79
CA TYR B 320 -31.91 -6.93 -15.06
C TYR B 320 -32.58 -7.43 -13.80
N SER B 321 -33.81 -7.92 -13.98
CA SER B 321 -34.58 -8.52 -12.91
C SER B 321 -34.53 -10.02 -13.07
N PHE B 322 -34.05 -10.70 -12.02
CA PHE B 322 -33.98 -12.15 -12.01
C PHE B 322 -35.38 -12.71 -12.02
N ARG B 323 -35.61 -13.72 -12.85
CA ARG B 323 -36.91 -14.40 -12.95
C ARG B 323 -36.80 -15.85 -12.50
N GLN B 324 -35.88 -16.61 -13.12
CA GLN B 324 -35.64 -17.99 -12.72
C GLN B 324 -34.35 -18.51 -13.31
N SER B 325 -33.85 -19.59 -12.70
CA SER B 325 -32.66 -20.26 -13.17
C SER B 325 -32.93 -21.75 -13.20
N PHE B 326 -32.16 -22.43 -14.07
CA PHE B 326 -32.28 -23.87 -14.24
C PHE B 326 -30.92 -24.52 -14.31
N SER B 327 -30.79 -25.62 -13.55
CA SER B 327 -29.59 -26.44 -13.62
C SER B 327 -29.56 -27.14 -14.96
N LEU B 328 -28.37 -27.39 -15.48
CA LEU B 328 -28.21 -28.10 -16.75
C LEU B 328 -28.21 -29.58 -16.57
N TYR B 329 -28.08 -30.01 -15.25
CA TYR B 329 -28.11 -31.42 -14.91
C TYR B 329 -29.49 -31.99 -15.21
N GLY B 330 -29.50 -32.96 -16.11
CA GLY B 330 -30.73 -33.61 -16.54
C GLY B 330 -31.55 -32.86 -17.57
N MET B 331 -31.04 -31.72 -18.11
CA MET B 331 -31.79 -30.91 -19.06
C MET B 331 -31.61 -31.45 -20.43
N GLN B 332 -32.67 -31.31 -21.24
CA GLN B 332 -32.64 -31.60 -22.66
C GLN B 332 -33.13 -30.35 -23.41
N VAL B 333 -32.50 -30.10 -24.58
CA VAL B 333 -32.83 -29.00 -25.46
C VAL B 333 -33.50 -29.51 -26.70
N LEU B 334 -34.73 -29.01 -26.92
CA LEU B 334 -35.52 -29.35 -28.10
C LEU B 334 -35.79 -28.12 -28.93
N LEU B 335 -35.78 -28.33 -30.25
CA LEU B 335 -36.12 -27.30 -31.23
C LEU B 335 -37.47 -27.68 -31.80
N PHE B 336 -38.33 -26.67 -31.94
CA PHE B 336 -39.64 -26.87 -32.52
C PHE B 336 -40.03 -25.68 -33.37
N GLU B 337 -40.94 -25.97 -34.30
CA GLU B 337 -41.56 -24.97 -35.12
C GLU B 337 -42.96 -25.44 -35.47
N ASN B 338 -43.88 -24.48 -35.42
CA ASN B 338 -45.25 -24.71 -35.78
C ASN B 338 -45.76 -23.48 -36.51
N GLN B 339 -47.08 -23.39 -36.70
CA GLN B 339 -47.67 -22.28 -37.43
C GLN B 339 -47.55 -20.94 -36.72
N TYR B 340 -47.20 -20.96 -35.42
CA TYR B 340 -47.10 -19.75 -34.61
C TYR B 340 -45.69 -19.32 -34.25
N TYR B 341 -44.76 -20.29 -34.20
CA TYR B 341 -43.38 -19.98 -33.83
C TYR B 341 -42.42 -20.68 -34.75
N PRO B 342 -41.68 -19.90 -35.56
CA PRO B 342 -40.71 -20.52 -36.48
C PRO B 342 -39.38 -20.92 -35.85
N ASN B 343 -39.02 -20.30 -34.70
CA ASN B 343 -37.73 -20.52 -34.05
C ASN B 343 -37.90 -20.90 -32.59
N GLY B 344 -38.74 -21.90 -32.38
CA GLY B 344 -39.05 -22.36 -31.04
C GLY B 344 -37.94 -23.19 -30.41
N ILE B 345 -37.83 -23.03 -29.09
CA ILE B 345 -36.91 -23.77 -28.23
C ILE B 345 -37.71 -24.25 -27.04
N ARG B 346 -37.55 -25.53 -26.69
CA ARG B 346 -38.20 -26.14 -25.53
C ARG B 346 -37.17 -26.85 -24.70
N LEU B 347 -37.16 -26.51 -23.41
CA LEU B 347 -36.27 -27.12 -22.44
C LEU B 347 -37.07 -28.00 -21.51
N THR B 348 -36.55 -29.23 -21.32
CA THR B 348 -37.14 -30.24 -20.45
C THR B 348 -36.12 -30.77 -19.49
N SER B 349 -36.58 -31.55 -18.52
CA SER B 349 -35.74 -32.17 -17.50
C SER B 349 -36.14 -33.62 -17.29
N SER B 350 -35.12 -34.44 -17.01
CA SER B 350 -35.30 -35.87 -16.76
C SER B 350 -34.35 -36.31 -15.66
N VAL B 351 -34.92 -36.60 -14.49
CA VAL B 351 -34.18 -37.02 -13.32
C VAL B 351 -34.97 -38.10 -12.60
N PRO B 352 -34.29 -39.09 -12.00
CA PRO B 352 -35.03 -40.13 -11.27
C PRO B 352 -35.77 -39.61 -10.03
N ASP B 355 -39.97 -38.46 -13.79
CA ASP B 355 -40.81 -38.18 -14.97
C ASP B 355 -40.30 -36.97 -15.73
N ILE B 356 -40.52 -36.96 -17.05
CA ILE B 356 -40.09 -35.85 -17.88
C ILE B 356 -40.96 -34.64 -17.53
N LYS B 357 -40.28 -33.52 -17.34
CA LYS B 357 -40.92 -32.27 -17.00
C LYS B 357 -40.48 -31.21 -17.99
N VAL B 358 -41.43 -30.36 -18.35
CA VAL B 358 -41.20 -29.23 -19.23
C VAL B 358 -40.84 -28.04 -18.36
N LEU B 359 -39.70 -27.44 -18.69
CA LEU B 359 -39.19 -26.31 -17.92
C LEU B 359 -39.65 -24.96 -18.44
N ILE B 360 -39.43 -24.71 -19.74
CA ILE B 360 -39.73 -23.43 -20.34
C ILE B 360 -39.61 -23.54 -21.86
N ASN B 361 -40.35 -22.67 -22.54
CA ASN B 361 -40.31 -22.56 -23.99
C ASN B 361 -39.94 -21.14 -24.37
N PHE B 362 -39.20 -21.04 -25.48
CA PHE B 362 -38.82 -19.76 -26.07
C PHE B 362 -39.03 -19.79 -27.57
N ASN B 363 -39.01 -18.58 -28.15
CA ASN B 363 -38.96 -18.35 -29.58
C ASN B 363 -37.85 -17.32 -29.80
N ALA B 364 -36.89 -17.70 -30.63
CA ALA B 364 -35.78 -16.81 -30.92
C ALA B 364 -36.18 -15.80 -31.99
N PRO B 365 -35.52 -14.65 -32.00
CA PRO B 365 -35.84 -13.63 -33.03
C PRO B 365 -35.56 -14.03 -34.47
N ASN B 366 -34.63 -14.98 -34.67
CA ASN B 366 -34.26 -15.45 -35.98
C ASN B 366 -33.64 -16.83 -35.87
N PRO B 367 -33.51 -17.54 -37.00
CA PRO B 367 -32.98 -18.91 -36.94
C PRO B 367 -31.52 -19.02 -36.54
N GLN B 368 -30.73 -18.00 -36.80
CA GLN B 368 -29.31 -18.02 -36.46
C GLN B 368 -29.10 -17.93 -34.96
N ASP B 369 -29.93 -17.12 -34.29
CA ASP B 369 -29.87 -17.00 -32.84
C ASP B 369 -30.27 -18.29 -32.16
N ARG B 370 -31.30 -18.98 -32.70
CA ARG B 370 -31.70 -20.27 -32.14
C ARG B 370 -30.59 -21.29 -32.29
N LYS B 371 -29.94 -21.35 -33.46
CA LYS B 371 -28.88 -22.32 -33.68
C LYS B 371 -27.72 -22.10 -32.76
N LYS B 372 -27.24 -20.85 -32.67
CA LYS B 372 -26.09 -20.55 -31.82
C LYS B 372 -26.35 -20.81 -30.36
N PHE B 373 -27.51 -20.36 -29.86
CA PHE B 373 -27.84 -20.58 -28.45
C PHE B 373 -27.99 -22.05 -28.11
N THR B 374 -28.73 -22.78 -28.95
CA THR B 374 -28.97 -24.20 -28.68
C THR B 374 -27.74 -25.04 -28.84
N ASP B 375 -26.82 -24.65 -29.74
CA ASP B 375 -25.56 -25.36 -29.88
C ASP B 375 -24.72 -25.22 -28.61
N ASP B 376 -24.62 -24.00 -28.09
CA ASP B 376 -23.86 -23.77 -26.85
C ASP B 376 -24.51 -24.40 -25.64
N LEU B 377 -25.86 -24.36 -25.57
CA LEU B 377 -26.58 -24.98 -24.47
C LEU B 377 -26.42 -26.50 -24.49
N ARG B 378 -26.53 -27.10 -25.68
CA ARG B 378 -26.36 -28.54 -25.81
C ARG B 378 -24.95 -28.96 -25.39
N GLU B 379 -23.92 -28.17 -25.76
CA GLU B 379 -22.55 -28.53 -25.40
C GLU B 379 -22.34 -28.44 -23.90
N SER B 380 -22.89 -27.38 -23.28
CA SER B 380 -22.79 -27.22 -21.83
C SER B 380 -23.53 -28.33 -21.10
N ILE B 381 -24.66 -28.77 -21.63
CA ILE B 381 -25.40 -29.89 -21.04
C ILE B 381 -24.54 -31.15 -21.13
N ALA B 382 -23.93 -31.40 -22.30
CA ALA B 382 -23.07 -32.57 -22.46
C ALA B 382 -21.91 -32.54 -21.51
N GLU B 383 -21.39 -31.33 -21.25
CA GLU B 383 -20.31 -31.14 -20.30
C GLU B 383 -20.75 -31.49 -18.89
N VAL B 384 -21.91 -31.02 -18.49
CA VAL B 384 -22.43 -31.28 -17.16
C VAL B 384 -22.73 -32.77 -16.95
N GLN B 385 -23.27 -33.43 -17.98
CA GLN B 385 -23.59 -34.85 -17.89
C GLN B 385 -22.33 -35.68 -17.67
N GLU B 386 -21.23 -35.27 -18.30
CA GLU B 386 -19.95 -35.94 -18.08
C GLU B 386 -19.42 -35.65 -16.68
N MET B 387 -19.66 -34.42 -16.17
CA MET B 387 -19.25 -34.04 -14.82
C MET B 387 -19.97 -34.87 -13.80
N GLU B 388 -21.26 -35.15 -14.03
CA GLU B 388 -22.06 -35.89 -13.06
C GLU B 388 -21.70 -37.34 -13.02
N LYS B 389 -21.45 -37.94 -14.16
CA LYS B 389 -21.07 -39.35 -14.20
C LYS B 389 -19.75 -39.57 -13.48
N HIS B 390 -18.86 -38.58 -13.52
CA HIS B 390 -17.58 -38.70 -12.84
C HIS B 390 -17.76 -38.86 -11.35
N ARG B 391 -18.44 -37.90 -10.72
CA ARG B 391 -18.74 -37.87 -9.29
C ARG B 391 -18.15 -39.04 -8.48
#